data_9PYF
#
_entry.id   9PYF
#
_cell.length_a   86.745
_cell.length_b   86.745
_cell.length_c   172.420
_cell.angle_alpha   90.00
_cell.angle_beta   90.00
_cell.angle_gamma   90.00
#
_symmetry.space_group_name_H-M   'P 43'
#
loop_
_entity.id
_entity.type
_entity.pdbx_description
1 polymer 'AB2 Fab Light Chain'
2 polymer 'Urokinase-type plasminogen activator'
3 polymer 'AB2 Fab Heavy Chain'
4 water water
#
loop_
_entity_poly.entity_id
_entity_poly.type
_entity_poly.pdbx_seq_one_letter_code
_entity_poly.pdbx_strand_id
1 'polypeptide(L)'
;EIVLTQSPLSLPVTPGEPASISCRSSQLMNRNGNNFLDWYLQKPGQSPQLLIYLGSNRAPGVPDRFSGSGSGTDFTLKIS
RVEAEDVGVYYCMARVEAPYSFGQGTKLEIRTVVAPSVFIFPPSDEQLKSGTASVVCLLNNFYPREAKVQWKVDNALQSG
NSQESVTEQDSKDSTYSLSSTLTLSKADYEKHKVYACEVTHQGLSSPVTKSFNRGE
;
A,I
2 'polypeptide(L)'
;MRGSHHHHHHGSACKPSSPPEELKFQCGQKTLRPRFKIIGGEFTTIENQPWFAAIYRRHRGGSVTYVCGGSLISPCWVIS
ATHCFIDYPKKEDYIVYLGRSRLNSNTQGEMKFEVENLILHKDYSADTLAHHNDIALLKIRSKEGRCAQPSRTIQTIALP
SMYNDPQFGTSCEITGFGKEQSTDYLYPEQLKMTVVKLISHRECQQPHYYGSEVTTKMLCAADPQWKTDSCQGDSGGPLV
CSLQGRMTLTGIVSWGRGCALKDKPGVYTRVSHFLPWIRSHTKE
;
F
3 'polypeptide(L)'
;QLTQSGGGLVKPGRSLRLSCTASGFTFGDYAMSWVRQAPGKGLEWVGFVRSESAGATTEYAASVKGRFTISRDDSKSIAY
LQMNALKTEDTAVYYCIRGANWNWGQGTLVTVSSASTKGPSVFPLAPSSKTSGGTAALGCLVKDYFPEPVTVSWNSGALT
SGVHTFPAVLQSSGLYSLSSVVTVPSSSLGTQTYICNVNHKPSNTKVDKKVEP
;
D,H
#
# COMPACT_ATOMS: atom_id res chain seq x y z
N GLU A 1 -2.32 -18.71 6.26
CA GLU A 1 -3.42 -19.53 6.79
C GLU A 1 -4.60 -18.63 7.12
N ILE A 2 -4.45 -17.82 8.17
CA ILE A 2 -5.49 -16.87 8.53
C ILE A 2 -5.52 -15.75 7.52
N VAL A 3 -6.69 -15.46 6.96
CA VAL A 3 -6.82 -14.41 5.95
C VAL A 3 -7.53 -13.22 6.58
N LEU A 4 -6.91 -12.05 6.44
CA LEU A 4 -7.42 -10.80 6.90
C LEU A 4 -7.87 -10.02 5.69
N THR A 5 -9.05 -9.41 5.78
CA THR A 5 -9.52 -8.40 4.83
C THR A 5 -9.75 -7.14 5.64
N GLN A 6 -9.12 -6.05 5.27
CA GLN A 6 -9.38 -4.80 5.95
C GLN A 6 -10.21 -3.86 5.08
N SER A 7 -10.96 -2.97 5.73
CA SER A 7 -11.94 -2.14 5.09
C SER A 7 -11.94 -0.76 5.74
N PRO A 8 -11.78 0.32 4.96
CA PRO A 8 -11.73 0.30 3.49
C PRO A 8 -10.31 0.42 2.95
N LEU A 9 -10.17 0.22 1.64
CA LEU A 9 -8.84 0.13 1.03
C LEU A 9 -8.22 1.49 0.88
N SER A 10 -9.04 2.49 0.62
CA SER A 10 -8.63 3.88 0.63
C SER A 10 -9.61 4.61 1.52
N LEU A 11 -9.19 5.74 2.01
CA LEU A 11 -9.94 6.34 3.09
C LEU A 11 -9.48 7.77 3.25
N PRO A 12 -10.28 8.70 2.80
CA PRO A 12 -9.86 10.11 2.81
C PRO A 12 -10.36 10.81 4.06
N VAL A 13 -9.56 11.70 4.65
CA VAL A 13 -9.88 12.30 5.96
C VAL A 13 -9.33 13.72 6.03
N THR A 14 -10.03 14.56 6.70
CA THR A 14 -9.66 15.95 6.90
C THR A 14 -8.95 16.14 8.23
N PRO A 15 -7.72 16.62 8.26
CA PRO A 15 -6.95 16.56 9.51
C PRO A 15 -7.67 17.28 10.64
N GLY A 16 -7.79 16.59 11.78
CA GLY A 16 -8.63 17.00 12.87
C GLY A 16 -9.90 16.19 13.02
N GLU A 17 -10.35 15.49 11.97
CA GLU A 17 -11.44 14.53 11.94
C GLU A 17 -10.93 13.12 12.30
N PRO A 18 -11.76 12.27 12.88
CA PRO A 18 -11.29 10.92 13.23
C PRO A 18 -11.56 9.91 12.13
N ALA A 19 -10.62 8.98 12.01
CA ALA A 19 -10.67 7.91 11.03
C ALA A 19 -10.82 6.59 11.76
N SER A 20 -11.10 5.51 11.02
CA SER A 20 -11.30 4.19 11.64
C SER A 20 -11.23 3.07 10.60
N ILE A 21 -10.19 2.24 10.68
CA ILE A 21 -9.99 1.09 9.80
C ILE A 21 -10.28 -0.17 10.60
N SER A 22 -10.72 -1.22 9.93
CA SER A 22 -11.24 -2.39 10.62
C SER A 22 -10.76 -3.66 9.93
N CYS A 23 -10.03 -4.51 10.65
CA CYS A 23 -9.52 -5.76 10.10
C CYS A 23 -10.44 -6.91 10.50
N ARG A 24 -10.88 -7.69 9.53
CA ARG A 24 -11.81 -8.80 9.77
C ARG A 24 -11.13 -10.11 9.37
N SER A 25 -11.01 -11.02 10.34
CA SER A 25 -10.16 -12.18 10.28
C SER A 25 -10.99 -13.45 10.40
N SER A 26 -10.42 -14.46 11.05
CA SER A 26 -11.16 -15.70 11.26
C SER A 26 -10.54 -16.59 12.32
N GLN A 27 -9.94 -16.04 13.40
CA GLN A 27 -9.21 -16.89 14.35
C GLN A 27 -8.86 -16.22 15.71
N LEU A 28 -7.67 -16.51 16.29
CA LEU A 28 -6.77 -15.53 16.95
C LEU A 28 -6.41 -15.25 18.47
N MET A 29 -7.10 -15.80 19.48
CA MET A 29 -6.77 -15.42 20.85
C MET A 29 -5.71 -16.32 21.46
N ASN A 30 -5.13 -15.86 22.56
CA ASN A 30 -4.28 -16.69 23.40
C ASN A 30 -4.94 -16.78 24.76
N ARG A 31 -4.23 -17.36 25.71
CA ARG A 31 -4.84 -17.68 27.00
C ARG A 31 -4.60 -16.61 28.06
N ASN A 32 -4.11 -15.43 27.69
CA ASN A 32 -3.96 -14.31 28.63
C ASN A 32 -4.76 -13.09 28.21
N GLY A 33 -5.71 -13.26 27.30
CA GLY A 33 -6.55 -12.18 26.84
C GLY A 33 -6.11 -11.57 25.53
N ASN A 34 -4.81 -11.61 25.22
CA ASN A 34 -4.29 -10.88 24.07
C ASN A 34 -4.75 -11.52 22.77
N ASN A 35 -5.28 -10.70 21.87
CA ASN A 35 -5.43 -11.11 20.49
C ASN A 35 -4.15 -10.79 19.71
N PHE A 36 -3.75 -11.71 18.86
CA PHE A 36 -2.45 -11.62 18.19
C PHE A 36 -2.60 -10.98 16.82
N LEU A 37 -3.04 -9.74 16.84
CA LEU A 37 -3.20 -8.92 15.64
C LEU A 37 -2.46 -7.61 15.83
N ASP A 38 -1.54 -7.28 14.93
CA ASP A 38 -0.89 -5.99 15.03
C ASP A 38 -1.28 -5.06 13.90
N TRP A 39 -1.14 -3.76 14.17
CA TRP A 39 -1.31 -2.70 13.19
C TRP A 39 0.02 -2.00 12.90
N TYR A 40 0.37 -1.95 11.62
CA TYR A 40 1.47 -1.12 11.15
C TYR A 40 0.97 0.07 10.32
N LEU A 41 1.85 1.05 10.17
CA LEU A 41 1.74 2.09 9.15
C LEU A 41 3.04 2.13 8.36
N GLN A 42 2.94 1.97 7.05
CA GLN A 42 4.01 2.35 6.14
C GLN A 42 3.83 3.82 5.74
N LYS A 43 4.72 4.68 6.21
CA LYS A 43 4.71 6.07 5.82
C LYS A 43 5.21 6.20 4.39
N PRO A 44 4.75 7.22 3.65
CA PRO A 44 5.30 7.45 2.31
C PRO A 44 6.80 7.62 2.43
N GLY A 45 7.51 6.88 1.60
CA GLY A 45 8.91 6.64 1.84
C GLY A 45 8.95 5.14 1.74
N GLN A 46 9.51 4.48 2.75
CA GLN A 46 9.16 3.08 2.99
C GLN A 46 9.33 2.85 4.48
N SER A 47 9.33 1.56 4.86
CA SER A 47 9.63 0.78 6.06
C SER A 47 8.51 0.83 7.08
N PRO A 48 7.74 -0.25 7.21
CA PRO A 48 6.56 -0.22 8.07
C PRO A 48 6.99 -0.02 9.48
N GLN A 49 6.17 0.66 10.25
CA GLN A 49 6.41 0.80 11.68
C GLN A 49 5.19 0.27 12.43
N LEU A 50 5.46 -0.38 13.56
CA LEU A 50 4.42 -1.01 14.34
C LEU A 50 3.63 0.04 15.10
N LEU A 51 2.33 0.01 14.99
CA LEU A 51 1.55 1.06 15.65
C LEU A 51 0.94 0.57 16.95
N ILE A 52 0.07 -0.43 16.83
CA ILE A 52 -0.55 -1.19 17.91
C ILE A 52 0.03 -2.59 17.89
N TYR A 53 0.43 -3.10 19.05
CA TYR A 53 0.74 -4.52 19.18
C TYR A 53 -0.29 -5.21 20.07
N LEU A 54 -0.50 -6.49 19.76
CA LEU A 54 -1.32 -7.42 20.55
C LEU A 54 -2.75 -6.94 20.66
N GLY A 55 -3.27 -6.38 19.58
CA GLY A 55 -4.65 -5.92 19.56
C GLY A 55 -4.92 -4.52 20.05
N SER A 56 -4.39 -4.15 21.22
CA SER A 56 -4.84 -2.91 21.85
C SER A 56 -3.75 -2.16 22.60
N ASN A 57 -2.51 -2.60 22.53
CA ASN A 57 -1.43 -1.92 23.21
C ASN A 57 -0.71 -1.08 22.20
N ARG A 58 -0.57 0.19 22.54
CA ARG A 58 0.11 1.11 21.66
C ARG A 58 1.59 0.93 21.82
N ALA A 59 2.28 0.58 20.74
CA ALA A 59 3.73 0.50 20.72
C ALA A 59 4.37 1.73 21.34
N PRO A 60 5.65 1.70 21.68
CA PRO A 60 6.27 2.87 22.31
C PRO A 60 6.49 4.00 21.32
N GLY A 61 6.51 5.22 21.85
CA GLY A 61 6.61 6.38 21.01
C GLY A 61 5.45 6.60 20.05
N VAL A 62 4.58 5.62 19.84
CA VAL A 62 3.44 5.83 18.95
C VAL A 62 2.48 6.82 19.61
N PRO A 63 2.09 7.89 18.92
CA PRO A 63 1.32 8.97 19.55
C PRO A 63 0.02 8.50 20.19
N ASP A 64 -0.51 9.36 21.07
CA ASP A 64 -1.69 9.00 21.84
C ASP A 64 -2.97 8.96 21.00
N ARG A 65 -2.92 9.41 19.73
CA ARG A 65 -4.14 9.46 18.92
C ARG A 65 -4.54 8.10 18.35
N PHE A 66 -3.68 7.10 18.44
CA PHE A 66 -3.93 5.78 17.88
C PHE A 66 -4.47 4.83 18.96
N SER A 67 -5.25 3.84 18.54
CA SER A 67 -5.96 3.04 19.53
C SER A 67 -6.31 1.67 18.99
N GLY A 68 -5.87 0.64 19.71
CA GLY A 68 -6.18 -0.73 19.39
C GLY A 68 -7.47 -1.19 20.08
N SER A 69 -8.28 -1.88 19.32
CA SER A 69 -9.54 -2.39 19.81
C SER A 69 -10.02 -3.47 18.86
N GLY A 70 -10.86 -4.34 19.37
CA GLY A 70 -11.40 -5.46 18.62
C GLY A 70 -11.51 -6.65 19.56
N SER A 71 -12.15 -7.70 19.06
CA SER A 71 -12.38 -8.92 19.81
C SER A 71 -13.00 -9.90 18.85
N GLY A 72 -12.73 -11.18 19.09
CA GLY A 72 -13.29 -12.17 18.21
C GLY A 72 -12.63 -12.09 16.85
N THR A 73 -13.42 -11.79 15.83
CA THR A 73 -12.91 -11.71 14.47
C THR A 73 -12.82 -10.28 13.95
N ASP A 74 -13.28 -9.28 14.70
CA ASP A 74 -13.46 -7.92 14.19
C ASP A 74 -12.64 -6.91 14.99
N PHE A 75 -11.49 -6.52 14.44
CA PHE A 75 -10.56 -5.57 15.05
C PHE A 75 -10.51 -4.29 14.24
N THR A 76 -10.32 -3.17 14.93
CA THR A 76 -10.34 -1.86 14.29
C THR A 76 -9.36 -0.92 14.97
N LEU A 77 -8.61 -0.19 14.15
CA LEU A 77 -7.71 0.88 14.54
C LEU A 77 -8.40 2.24 14.47
N LYS A 78 -7.98 3.16 15.32
CA LYS A 78 -8.69 4.43 15.41
C LYS A 78 -7.74 5.58 15.67
N ILE A 79 -7.86 6.63 14.85
CA ILE A 79 -7.21 7.91 15.08
C ILE A 79 -8.28 8.89 15.52
N SER A 80 -8.11 9.47 16.71
CA SER A 80 -9.07 10.44 17.23
C SER A 80 -9.19 11.64 16.31
N ARG A 81 -8.10 11.99 15.64
CA ARG A 81 -8.03 13.19 14.82
C ARG A 81 -6.76 13.11 14.00
N VAL A 82 -6.92 13.13 12.68
CA VAL A 82 -5.80 12.88 11.76
C VAL A 82 -4.79 14.02 11.81
N GLU A 83 -3.58 13.73 11.35
CA GLU A 83 -2.58 14.75 11.13
C GLU A 83 -1.92 14.51 9.79
N ALA A 84 -1.31 15.57 9.26
CA ALA A 84 -0.63 15.49 7.98
C ALA A 84 0.29 14.28 7.92
N GLU A 85 0.94 13.93 9.05
CA GLU A 85 2.00 12.92 9.09
C GLU A 85 1.46 11.50 9.05
N ASP A 86 0.16 11.33 9.24
CA ASP A 86 -0.47 10.02 9.33
C ASP A 86 -0.80 9.42 7.98
N VAL A 87 -0.58 10.16 6.89
CA VAL A 87 -0.80 9.65 5.54
C VAL A 87 0.04 8.40 5.34
N GLY A 88 -0.57 7.35 4.83
CA GLY A 88 0.18 6.16 4.48
C GLY A 88 -0.77 5.02 4.22
N VAL A 89 -0.17 3.84 4.00
CA VAL A 89 -0.90 2.58 4.04
C VAL A 89 -0.78 1.97 5.42
N TYR A 90 -1.91 1.54 5.95
CA TYR A 90 -2.00 0.80 7.20
C TYR A 90 -2.14 -0.67 6.89
N TYR A 91 -1.33 -1.48 7.53
CA TYR A 91 -1.46 -2.93 7.42
C TYR A 91 -1.70 -3.53 8.81
N CYS A 92 -2.68 -4.42 8.89
CA CYS A 92 -2.98 -5.28 10.01
C CYS A 92 -2.38 -6.65 9.74
N MET A 93 -1.99 -7.36 10.80
CA MET A 93 -1.22 -8.60 10.65
C MET A 93 -1.62 -9.62 11.72
N ALA A 94 -1.73 -10.87 11.32
CA ALA A 94 -2.16 -11.96 12.19
C ALA A 94 -0.96 -12.85 12.55
N ARG A 95 -0.69 -13.00 13.84
CA ARG A 95 0.42 -13.83 14.27
C ARG A 95 0.05 -14.68 15.51
N VAL A 96 -1.08 -15.40 15.43
CA VAL A 96 -1.45 -16.33 16.50
C VAL A 96 -0.64 -17.61 16.41
N GLU A 97 -0.46 -18.16 15.22
CA GLU A 97 0.31 -19.39 15.10
C GLU A 97 0.69 -19.64 13.65
N ALA A 98 1.39 -20.76 13.43
CA ALA A 98 1.38 -21.41 12.14
C ALA A 98 2.01 -20.42 11.16
N PRO A 99 1.56 -20.28 9.90
CA PRO A 99 2.04 -19.13 9.10
C PRO A 99 1.34 -17.81 9.38
N TYR A 100 2.13 -16.76 9.44
CA TYR A 100 1.68 -15.39 9.59
C TYR A 100 1.20 -14.80 8.25
N SER A 101 0.42 -13.71 8.32
CA SER A 101 -0.19 -13.12 7.13
C SER A 101 -0.62 -11.67 7.38
N PHE A 102 -0.65 -10.86 6.31
CA PHE A 102 -1.06 -9.44 6.36
C PHE A 102 -2.40 -9.24 5.68
N GLY A 103 -2.99 -8.07 5.90
CA GLY A 103 -4.06 -7.60 5.05
C GLY A 103 -3.54 -7.00 3.74
N GLN A 104 -4.46 -6.52 2.91
CA GLN A 104 -4.05 -5.92 1.65
C GLN A 104 -3.48 -4.53 1.85
N GLY A 105 -3.97 -3.83 2.86
CA GLY A 105 -3.55 -2.47 3.20
C GLY A 105 -4.72 -1.49 3.17
N THR A 106 -4.55 -0.36 3.84
CA THR A 106 -5.50 0.73 3.73
C THR A 106 -4.72 2.01 3.50
N LYS A 107 -5.11 2.75 2.46
CA LYS A 107 -4.40 3.97 2.04
C LYS A 107 -5.16 5.19 2.55
N LEU A 108 -4.62 5.80 3.60
CA LEU A 108 -5.22 6.99 4.19
C LEU A 108 -4.76 8.21 3.40
N GLU A 109 -5.64 8.76 2.60
CA GLU A 109 -5.35 9.98 1.83
C GLU A 109 -5.93 11.16 2.58
N ILE A 110 -5.17 12.24 2.72
CA ILE A 110 -5.74 13.31 3.53
C ILE A 110 -6.19 14.52 2.68
N ARG A 111 -6.93 18.11 2.43
CA ARG A 111 -6.40 19.48 2.55
C ARG A 111 -6.98 20.46 1.52
N THR A 112 -6.92 21.76 1.83
CA THR A 112 -7.39 22.78 0.90
C THR A 112 -6.68 22.63 -0.44
N VAL A 113 -7.26 23.27 -1.48
CA VAL A 113 -6.71 23.24 -2.83
C VAL A 113 -5.52 24.19 -2.91
N VAL A 114 -4.52 23.80 -3.69
CA VAL A 114 -3.30 24.60 -3.79
C VAL A 114 -2.66 24.32 -5.15
N ALA A 115 -2.15 25.38 -5.80
CA ALA A 115 -1.78 25.34 -7.20
C ALA A 115 -0.35 24.88 -7.37
N PRO A 116 0.00 24.36 -8.54
CA PRO A 116 1.38 23.95 -8.77
C PRO A 116 2.31 25.13 -8.95
N SER A 117 3.54 24.97 -8.46
CA SER A 117 4.67 25.84 -8.79
C SER A 117 5.40 25.21 -9.95
N VAL A 118 5.30 25.82 -11.13
CA VAL A 118 5.79 25.20 -12.35
C VAL A 118 7.19 25.71 -12.66
N PHE A 119 7.99 24.80 -13.18
CA PHE A 119 9.35 25.06 -13.52
C PHE A 119 9.62 24.18 -14.70
N ILE A 120 10.67 24.54 -15.42
CA ILE A 120 11.02 23.86 -16.66
C ILE A 120 12.54 23.88 -16.77
N PHE A 121 13.08 22.77 -17.23
CA PHE A 121 14.52 22.58 -17.24
C PHE A 121 14.92 22.12 -18.63
N PRO A 122 15.82 22.83 -19.28
CA PRO A 122 16.30 22.41 -20.59
C PRO A 122 17.30 21.28 -20.44
N PRO A 123 17.58 20.55 -21.52
CA PRO A 123 18.62 19.52 -21.46
C PRO A 123 19.95 20.17 -21.17
N SER A 124 20.90 19.35 -20.75
CA SER A 124 22.25 19.80 -20.45
C SER A 124 23.13 19.54 -21.66
N ASP A 125 24.14 20.41 -21.85
CA ASP A 125 25.14 20.13 -22.87
C ASP A 125 25.67 18.71 -22.72
N GLU A 126 25.85 18.26 -21.48
CA GLU A 126 26.33 16.92 -21.21
C GLU A 126 25.42 15.87 -21.82
N GLN A 127 24.10 16.07 -21.72
CA GLN A 127 23.21 15.08 -22.29
C GLN A 127 23.12 15.19 -23.79
N LEU A 128 23.30 16.40 -24.33
CA LEU A 128 23.38 16.59 -25.76
C LEU A 128 24.61 15.88 -26.34
N LYS A 129 25.79 16.13 -25.76
CA LYS A 129 26.98 15.35 -26.08
C LYS A 129 26.65 13.86 -26.16
N SER A 130 25.96 13.33 -25.15
CA SER A 130 25.44 11.97 -25.26
C SER A 130 24.71 11.76 -26.58
N GLY A 131 23.77 12.66 -26.91
CA GLY A 131 23.11 12.55 -28.20
C GLY A 131 21.61 12.32 -28.09
N THR A 132 21.06 12.71 -26.94
CA THR A 132 19.63 12.65 -26.67
C THR A 132 19.27 13.79 -25.74
N ALA A 133 18.01 14.20 -25.77
CA ALA A 133 17.58 15.42 -25.12
C ALA A 133 16.38 15.13 -24.24
N SER A 134 16.52 15.45 -22.95
CA SER A 134 15.45 15.33 -21.97
C SER A 134 15.19 16.73 -21.44
N VAL A 135 14.03 17.28 -21.76
CA VAL A 135 13.55 18.49 -21.12
C VAL A 135 12.51 18.07 -20.09
N VAL A 136 12.53 18.71 -18.93
CA VAL A 136 11.62 18.25 -17.88
C VAL A 136 10.88 19.45 -17.33
N CYS A 137 9.70 19.17 -16.76
CA CYS A 137 8.79 20.16 -16.23
C CYS A 137 8.25 19.63 -14.92
N LEU A 138 8.33 20.43 -13.86
CA LEU A 138 7.99 19.98 -12.52
C LEU A 138 6.87 20.86 -11.99
N LEU A 139 5.80 20.24 -11.54
CA LEU A 139 4.71 20.93 -10.89
C LEU A 139 4.86 20.60 -9.41
N ASN A 140 4.82 21.62 -8.53
CA ASN A 140 5.36 21.47 -7.19
C ASN A 140 4.36 21.85 -6.11
N ASN A 141 4.06 20.89 -5.23
CA ASN A 141 3.31 21.10 -4.00
C ASN A 141 1.91 21.63 -4.32
N PHE A 142 1.16 20.77 -5.02
CA PHE A 142 -0.22 21.07 -5.34
C PHE A 142 -1.15 20.04 -4.72
N TYR A 143 -2.39 20.47 -4.51
CA TYR A 143 -3.48 19.61 -4.13
C TYR A 143 -4.68 20.18 -4.90
N PRO A 144 -5.51 19.33 -5.52
CA PRO A 144 -5.51 17.87 -5.62
C PRO A 144 -4.46 17.33 -6.51
N ARG A 145 -4.55 16.06 -6.86
CA ARG A 145 -3.48 15.48 -7.66
C ARG A 145 -3.82 15.44 -9.14
N GLU A 146 -5.11 15.57 -9.49
CA GLU A 146 -5.53 15.54 -10.89
C GLU A 146 -4.83 16.65 -11.65
N ALA A 147 -3.99 16.28 -12.60
CA ALA A 147 -3.18 17.29 -13.28
C ALA A 147 -2.90 16.86 -14.69
N LYS A 148 -2.86 17.86 -15.57
CA LYS A 148 -2.47 17.70 -16.96
C LYS A 148 -1.39 18.70 -17.23
N VAL A 149 -0.33 18.24 -17.90
CA VAL A 149 0.66 19.10 -18.52
C VAL A 149 0.62 18.83 -20.02
N GLN A 150 0.76 19.87 -20.84
CA GLN A 150 0.87 19.71 -22.28
C GLN A 150 2.21 20.28 -22.74
N TRP A 151 2.86 19.57 -23.64
CA TRP A 151 4.18 19.97 -24.13
C TRP A 151 4.03 20.65 -25.49
N LYS A 152 4.59 21.85 -25.63
CA LYS A 152 4.67 22.54 -26.92
C LYS A 152 6.13 22.79 -27.27
N VAL A 153 6.54 22.40 -28.48
CA VAL A 153 7.83 22.83 -28.99
C VAL A 153 7.59 23.56 -30.30
N ASP A 154 7.99 24.83 -30.34
CA ASP A 154 7.67 25.79 -31.40
C ASP A 154 6.16 26.04 -31.49
N ASN A 155 5.51 25.54 -32.53
CA ASN A 155 4.08 25.75 -32.70
C ASN A 155 3.40 24.42 -32.94
N ALA A 156 3.76 23.44 -32.11
CA ALA A 156 3.21 22.09 -32.17
C ALA A 156 2.96 21.56 -30.77
N LEU A 157 1.70 21.26 -30.46
CA LEU A 157 1.42 20.45 -29.29
C LEU A 157 2.10 19.09 -29.44
N GLN A 158 2.68 18.59 -28.34
CA GLN A 158 3.41 17.33 -28.36
C GLN A 158 2.53 16.18 -27.90
N SER A 159 2.73 15.02 -28.51
CA SER A 159 1.98 13.81 -28.17
C SER A 159 2.94 12.63 -28.09
N GLY A 160 2.88 11.88 -26.98
CA GLY A 160 3.47 10.56 -26.91
C GLY A 160 4.98 10.48 -26.88
N ASN A 161 5.65 11.57 -26.52
CA ASN A 161 7.10 11.61 -26.38
C ASN A 161 7.50 12.00 -24.95
N SER A 162 6.68 11.65 -23.97
CA SER A 162 6.86 12.21 -22.66
C SER A 162 6.26 11.27 -21.63
N GLN A 163 6.95 11.10 -20.49
CA GLN A 163 6.42 10.34 -19.35
C GLN A 163 6.41 11.19 -18.08
N GLU A 164 5.34 11.05 -17.29
CA GLU A 164 5.20 11.71 -16.02
C GLU A 164 5.31 10.70 -14.89
N SER A 165 5.82 11.17 -13.75
CA SER A 165 5.62 10.47 -12.47
C SER A 165 5.20 11.46 -11.38
N VAL A 166 4.58 10.92 -10.35
CA VAL A 166 3.97 11.73 -9.30
C VAL A 166 4.42 11.18 -7.96
N THR A 167 4.49 12.05 -6.94
CA THR A 167 4.92 11.61 -5.61
C THR A 167 3.73 11.13 -4.80
N GLU A 168 4.00 10.42 -3.70
CA GLU A 168 2.89 10.18 -2.80
C GLU A 168 2.66 11.41 -1.94
N GLN A 169 1.45 11.52 -1.39
CA GLN A 169 1.09 12.68 -0.58
C GLN A 169 2.21 13.04 0.36
N ASP A 170 2.46 14.33 0.52
CA ASP A 170 3.54 14.75 1.38
C ASP A 170 3.15 14.65 2.84
N SER A 171 4.11 14.23 3.65
CA SER A 171 3.86 14.03 5.06
C SER A 171 3.62 15.33 5.80
N LYS A 172 4.14 16.45 5.28
CA LYS A 172 4.13 17.72 5.99
C LYS A 172 3.03 18.67 5.53
N ASP A 173 2.81 18.81 4.22
CA ASP A 173 1.77 19.70 3.73
C ASP A 173 0.73 18.99 2.87
N SER A 174 0.81 17.68 2.71
CA SER A 174 -0.24 16.87 2.11
C SER A 174 -0.47 17.24 0.66
N THR A 175 0.60 17.54 -0.04
CA THR A 175 0.49 17.92 -1.43
C THR A 175 1.34 16.99 -2.27
N TYR A 176 0.98 16.88 -3.52
CA TYR A 176 1.74 16.10 -4.46
C TYR A 176 2.69 17.02 -5.25
N SER A 177 3.73 16.42 -5.83
CA SER A 177 4.52 17.03 -6.90
C SER A 177 4.59 16.05 -8.06
N LEU A 178 4.61 16.58 -9.28
CA LEU A 178 4.66 15.77 -10.50
C LEU A 178 5.86 16.22 -11.32
N SER A 179 6.44 15.28 -12.05
CA SER A 179 7.47 15.63 -13.02
C SER A 179 7.18 14.93 -14.33
N SER A 180 6.89 15.71 -15.36
CA SER A 180 6.73 15.16 -16.69
C SER A 180 8.00 15.46 -17.44
N THR A 181 8.39 14.56 -18.33
CA THR A 181 9.66 14.73 -19.01
C THR A 181 9.53 14.24 -20.43
N LEU A 182 9.85 15.15 -21.36
CA LEU A 182 9.74 14.99 -22.80
C LEU A 182 11.12 14.69 -23.35
N THR A 183 11.27 13.56 -24.06
CA THR A 183 12.58 13.20 -24.62
C THR A 183 12.53 13.33 -26.14
N LEU A 184 13.59 13.87 -26.73
CA LEU A 184 13.69 13.93 -28.17
C LEU A 184 15.14 13.77 -28.61
N SER A 185 15.31 13.34 -29.88
CA SER A 185 16.61 13.29 -30.51
C SER A 185 17.35 14.60 -30.30
N LYS A 186 18.68 14.55 -30.30
CA LYS A 186 19.35 15.83 -30.32
C LYS A 186 18.95 16.62 -31.56
N ALA A 187 18.68 15.93 -32.67
CA ALA A 187 18.22 16.60 -33.89
C ALA A 187 17.00 17.47 -33.63
N ASP A 188 15.90 16.86 -33.16
CA ASP A 188 14.69 17.63 -32.90
C ASP A 188 14.94 18.73 -31.90
N TYR A 189 15.94 18.57 -31.04
CA TYR A 189 16.13 19.59 -30.03
C TYR A 189 16.69 20.86 -30.64
N GLU A 190 17.45 20.77 -31.72
CA GLU A 190 18.00 21.99 -32.29
C GLU A 190 17.36 22.39 -33.61
N LYS A 191 16.48 21.56 -34.17
CA LYS A 191 15.62 22.05 -35.22
C LYS A 191 14.58 23.04 -34.70
N HIS A 192 14.36 23.10 -33.38
CA HIS A 192 13.36 24.01 -32.83
C HIS A 192 13.92 24.86 -31.70
N LYS A 193 13.20 25.92 -31.35
CA LYS A 193 13.78 26.92 -30.46
C LYS A 193 13.03 27.13 -29.16
N VAL A 194 11.71 27.19 -29.20
CA VAL A 194 10.95 27.50 -28.00
C VAL A 194 10.32 26.22 -27.47
N TYR A 195 10.58 25.93 -26.20
CA TYR A 195 10.11 24.72 -25.53
C TYR A 195 9.26 25.12 -24.34
N ALA A 196 8.03 24.60 -24.25
CA ALA A 196 7.11 25.06 -23.23
C ALA A 196 6.32 23.89 -22.65
N CYS A 197 5.80 24.12 -21.44
CA CYS A 197 5.12 23.12 -20.61
C CYS A 197 3.85 23.76 -20.10
N GLU A 198 2.70 23.33 -20.60
CA GLU A 198 1.44 24.00 -20.28
C GLU A 198 0.64 23.17 -19.30
N VAL A 199 0.36 23.73 -18.12
CA VAL A 199 -0.24 22.98 -17.03
C VAL A 199 -1.61 23.57 -16.73
N THR A 200 -2.65 22.75 -16.87
CA THR A 200 -3.95 23.07 -16.28
C THR A 200 -4.12 22.30 -14.98
N HIS A 201 -4.76 22.95 -14.00
CA HIS A 201 -4.97 22.35 -12.67
C HIS A 201 -6.05 23.12 -11.93
N GLN A 202 -7.02 22.40 -11.34
CA GLN A 202 -8.18 23.03 -10.72
C GLN A 202 -7.83 24.28 -9.91
N GLY A 203 -6.67 24.30 -9.29
CA GLY A 203 -6.39 25.46 -8.47
C GLY A 203 -5.90 26.66 -9.21
N LEU A 204 -5.66 26.51 -10.51
CA LEU A 204 -5.20 27.57 -11.41
C LEU A 204 -6.38 28.22 -12.12
N SER A 205 -6.46 29.55 -12.03
CA SER A 205 -7.38 30.37 -12.82
C SER A 205 -7.44 29.95 -14.28
N SER A 206 -6.38 30.23 -15.00
CA SER A 206 -6.15 29.79 -16.37
C SER A 206 -4.91 28.92 -16.37
N PRO A 207 -4.74 28.08 -17.39
CA PRO A 207 -3.50 27.32 -17.52
C PRO A 207 -2.30 28.23 -17.33
N VAL A 208 -1.20 27.65 -16.89
CA VAL A 208 0.07 28.35 -16.77
C VAL A 208 1.04 27.70 -17.73
N THR A 209 1.97 28.49 -18.22
CA THR A 209 2.93 28.08 -19.22
C THR A 209 4.29 28.51 -18.71
N LYS A 210 5.29 27.66 -18.95
CA LYS A 210 6.68 27.91 -18.58
C LYS A 210 7.53 27.54 -19.79
N SER A 211 8.32 28.47 -20.30
CA SER A 211 9.09 28.12 -21.50
C SER A 211 10.52 28.60 -21.39
N PHE A 212 11.29 28.22 -22.40
CA PHE A 212 12.61 28.77 -22.64
C PHE A 212 12.93 28.61 -24.12
N ASN A 213 13.81 29.48 -24.62
CA ASN A 213 14.50 29.27 -25.89
C ASN A 213 15.89 28.69 -25.63
N ARG A 214 16.44 28.03 -26.65
CA ARG A 214 17.79 27.48 -26.57
C ARG A 214 18.84 28.59 -26.65
N GLY A 215 19.42 28.95 -25.51
CA GLY A 215 20.28 30.11 -25.39
C GLY A 215 19.69 31.13 -24.47
N GLU A 216 19.83 30.93 -23.17
CA GLU A 216 19.28 31.85 -22.17
C GLU A 216 20.35 32.32 -21.18
N ILE B 38 29.51 23.96 11.43
CA ILE B 38 30.50 22.89 11.55
C ILE B 38 31.15 22.57 10.18
N ILE B 39 32.45 22.77 10.08
CA ILE B 39 33.20 22.47 8.87
C ILE B 39 33.90 21.13 9.09
N GLY B 40 34.00 20.33 8.03
CA GLY B 40 34.49 18.96 8.21
C GLY B 40 33.48 18.17 9.00
N GLY B 41 33.98 17.21 9.78
CA GLY B 41 33.12 16.51 10.73
C GLY B 41 32.27 15.43 10.09
N GLU B 42 31.14 15.15 10.73
CA GLU B 42 30.23 14.13 10.22
C GLU B 42 28.88 14.33 10.89
N PHE B 43 27.85 13.72 10.29
CA PHE B 43 26.52 13.82 10.86
C PHE B 43 26.40 12.84 12.03
N THR B 44 25.74 13.27 13.10
CA THR B 44 25.48 12.40 14.21
C THR B 44 23.99 12.41 14.52
N THR B 45 23.57 11.43 15.31
CA THR B 45 22.26 11.51 15.92
C THR B 45 22.40 12.23 17.26
N ILE B 46 21.27 12.66 17.80
CA ILE B 46 21.31 13.41 19.04
C ILE B 46 21.89 12.58 20.18
N GLU B 47 22.00 11.27 20.01
CA GLU B 47 22.42 10.40 21.12
C GLU B 47 23.90 10.58 21.43
N ASN B 48 24.77 10.57 20.41
CA ASN B 48 26.18 10.91 20.58
C ASN B 48 26.42 12.23 21.32
N GLN B 49 25.41 13.04 21.50
CA GLN B 49 25.54 14.40 22.00
C GLN B 49 24.26 14.79 22.71
N PRO B 50 23.86 14.03 23.73
CA PRO B 50 22.52 14.18 24.32
C PRO B 50 22.37 15.40 25.22
N TRP B 51 23.44 16.14 25.44
CA TRP B 51 23.35 17.34 26.24
C TRP B 51 23.08 18.55 25.41
N PHE B 52 23.16 18.41 24.09
CA PHE B 52 23.01 19.52 23.18
C PHE B 52 21.57 20.02 23.23
N ALA B 53 21.43 21.35 23.19
CA ALA B 53 20.14 22.03 23.14
C ALA B 53 20.08 22.91 21.90
N ALA B 54 18.93 22.93 21.23
CA ALA B 54 18.71 23.66 19.98
C ALA B 54 17.80 24.84 20.27
N ILE B 55 18.33 26.07 20.15
CA ILE B 55 17.61 27.29 20.58
C ILE B 55 17.01 28.00 19.37
N TYR B 56 15.70 28.18 19.38
CA TYR B 56 15.01 28.87 18.31
C TYR B 56 14.42 30.18 18.83
N ARG B 57 14.31 31.14 17.92
CA ARG B 57 13.70 32.44 18.20
C ARG B 57 12.52 32.61 17.29
N ARG B 58 11.39 33.00 17.85
CA ARG B 58 10.26 33.35 17.03
C ARG B 58 10.45 34.77 16.48
N HIS B 59 10.32 34.94 15.17
CA HIS B 59 10.35 36.27 14.56
C HIS B 59 9.00 36.98 14.59
N ARG B 60 7.99 36.24 15.05
CA ARG B 60 6.59 36.57 15.32
C ARG B 60 5.85 35.72 14.28
N GLY B 61 4.62 36.03 13.90
CA GLY B 61 3.92 35.26 12.86
C GLY B 61 3.83 33.76 13.00
N GLY B 62 4.44 33.20 14.06
CA GLY B 62 4.77 31.79 14.07
C GLY B 62 6.09 31.47 13.41
N SER B 63 6.82 32.48 12.91
CA SER B 63 8.08 32.23 12.23
C SER B 63 9.20 32.01 13.23
N VAL B 64 9.85 30.86 13.13
CA VAL B 64 10.94 30.47 14.00
C VAL B 64 12.17 30.26 13.16
N THR B 65 13.33 30.47 13.78
CA THR B 65 14.58 30.23 13.09
C THR B 65 15.61 29.72 14.10
N TYR B 66 16.53 28.90 13.65
CA TYR B 66 17.57 28.47 14.57
C TYR B 66 18.44 29.66 14.85
N VAL B 67 18.73 29.85 16.13
CA VAL B 67 19.60 30.93 16.55
C VAL B 67 20.96 30.36 16.94
N CYS B 68 20.97 29.55 18.00
CA CYS B 68 22.22 29.13 18.61
C CYS B 68 22.08 27.73 19.18
N GLY B 69 23.23 27.13 19.46
CA GLY B 69 23.28 25.89 20.21
C GLY B 69 23.28 26.11 21.70
N GLY B 70 22.93 25.06 22.43
CA GLY B 70 22.96 25.08 23.88
C GLY B 70 23.40 23.73 24.43
N SER B 71 23.92 23.75 25.66
CA SER B 71 24.25 22.55 26.41
C SER B 71 23.49 22.52 27.72
N LEU B 72 22.88 21.39 28.00
CA LEU B 72 22.01 21.22 29.15
C LEU B 72 22.86 20.79 30.34
N ILE B 73 23.07 21.71 31.29
CA ILE B 73 23.93 21.41 32.43
C ILE B 73 23.16 20.91 33.66
N SER B 74 21.88 21.22 33.78
CA SER B 74 21.03 20.76 34.87
C SER B 74 19.64 20.53 34.31
N PRO B 75 18.82 19.70 34.96
CA PRO B 75 17.48 19.40 34.42
C PRO B 75 16.56 20.62 34.21
N CYS B 76 16.92 21.79 34.72
CA CYS B 76 16.18 23.03 34.48
C CYS B 76 17.06 24.15 33.92
N TRP B 77 18.27 23.88 33.46
CA TRP B 77 19.17 24.97 33.10
C TRP B 77 20.02 24.63 31.87
N VAL B 78 20.02 25.55 30.92
CA VAL B 78 20.79 25.48 29.69
C VAL B 78 21.78 26.64 29.71
N ILE B 79 22.92 26.45 29.04
CA ILE B 79 23.95 27.46 29.02
C ILE B 79 24.42 27.67 27.60
N SER B 80 24.68 28.93 27.25
CA SER B 80 24.99 29.30 25.89
C SER B 80 25.92 30.51 25.94
N ALA B 81 25.96 31.27 24.85
CA ALA B 81 26.70 32.51 24.74
C ALA B 81 25.72 33.68 24.73
N THR B 82 26.08 34.81 25.36
CA THR B 82 25.10 35.89 25.37
C THR B 82 24.96 36.56 24.00
N HIS B 83 26.02 36.59 23.19
CA HIS B 83 25.91 37.25 21.90
C HIS B 83 24.73 36.70 21.11
N CYS B 84 24.49 35.39 21.22
CA CYS B 84 23.33 34.74 20.63
C CYS B 84 22.02 35.48 20.85
N PHE B 85 21.86 36.22 21.94
CA PHE B 85 20.57 36.82 22.26
C PHE B 85 20.70 38.30 22.56
N ILE B 86 21.89 38.88 22.39
CA ILE B 86 22.09 40.21 22.93
C ILE B 86 21.13 41.19 22.28
N ASP B 87 20.81 40.99 21.00
CA ASP B 87 20.01 41.94 20.25
C ASP B 87 18.53 41.82 20.55
N TYR B 88 18.06 40.64 20.93
CA TYR B 88 16.66 40.40 21.29
C TYR B 88 16.63 39.69 22.63
N PRO B 89 16.88 40.39 23.73
CA PRO B 89 16.89 39.71 25.04
C PRO B 89 15.56 39.15 25.51
N LYS B 90 14.44 39.51 24.91
CA LYS B 90 13.15 39.12 25.48
C LYS B 90 13.00 37.61 25.57
N LYS B 91 12.78 37.10 26.78
CA LYS B 91 12.79 35.66 27.02
C LYS B 91 11.56 34.99 26.44
N GLU B 92 10.42 35.67 26.44
CA GLU B 92 9.13 35.12 26.04
C GLU B 92 9.05 34.93 24.54
N ASP B 93 10.14 34.48 23.94
CA ASP B 93 10.46 34.75 22.56
C ASP B 93 11.45 33.71 22.04
N TYR B 94 12.01 32.95 22.97
CA TYR B 94 12.96 31.90 22.65
C TYR B 94 12.35 30.53 22.92
N ILE B 95 12.87 29.53 22.21
CA ILE B 95 12.39 28.16 22.29
C ILE B 95 13.59 27.22 22.36
N VAL B 96 13.54 26.25 23.27
CA VAL B 96 14.64 25.30 23.39
C VAL B 96 14.11 23.89 23.15
N TYR B 97 14.87 23.12 22.39
CA TYR B 97 14.56 21.72 22.10
C TYR B 97 15.71 20.84 22.56
N LEU B 98 15.40 19.86 23.41
CA LEU B 98 16.37 18.83 23.77
C LEU B 98 16.04 17.56 23.02
N GLY B 99 17.07 16.76 22.77
CA GLY B 99 16.87 15.53 22.03
C GLY B 99 16.60 15.73 20.56
N ARG B 100 16.83 16.93 20.03
CA ARG B 100 16.54 17.28 18.64
C ARG B 100 17.81 17.12 17.81
N SER B 101 17.80 16.19 16.86
CA SER B 101 18.95 16.03 15.97
C SER B 101 18.73 16.65 14.60
N ARG B 102 17.48 16.90 14.23
CA ARG B 102 17.16 17.45 12.93
C ARG B 102 16.50 18.81 13.10
N LEU B 103 16.67 19.67 12.10
CA LEU B 103 16.40 21.10 12.25
C LEU B 103 14.94 21.48 11.99
N ASN B 104 14.37 21.02 10.87
CA ASN B 104 12.97 21.31 10.57
C ASN B 104 12.11 20.07 10.47
N SER B 105 12.65 18.89 10.74
CA SER B 105 11.82 17.74 11.04
C SER B 105 12.01 17.36 12.52
N ASN B 106 10.95 16.83 13.11
CA ASN B 106 10.93 16.51 14.53
C ASN B 106 11.56 15.13 14.77
N THR B 107 12.55 15.07 15.66
CA THR B 107 13.11 13.79 16.10
C THR B 107 12.12 13.10 17.04
N GLN B 108 12.31 11.79 17.21
CA GLN B 108 11.52 11.01 18.15
C GLN B 108 12.19 11.00 19.51
N GLY B 109 11.45 11.43 20.53
CA GLY B 109 11.97 11.52 21.87
C GLY B 109 12.28 12.93 22.35
N GLU B 110 12.17 13.92 21.47
CA GLU B 110 12.63 15.25 21.82
C GLU B 110 11.56 16.00 22.59
N MET B 111 12.02 16.91 23.43
CA MET B 111 11.14 17.67 24.31
C MET B 111 11.28 19.15 23.98
N LYS B 112 10.18 19.89 24.11
CA LYS B 112 10.14 21.32 23.82
C LYS B 112 9.93 22.11 25.10
N PHE B 113 10.68 23.21 25.25
CA PHE B 113 10.59 24.07 26.43
C PHE B 113 10.45 25.53 26.05
N GLU B 114 9.80 26.26 26.93
CA GLU B 114 9.85 27.70 26.94
C GLU B 114 11.08 28.14 27.73
N VAL B 115 11.24 29.45 27.92
CA VAL B 115 12.37 30.00 28.63
C VAL B 115 11.80 30.73 29.85
N GLU B 116 11.88 30.09 31.02
CA GLU B 116 11.43 30.74 32.26
C GLU B 116 12.28 31.95 32.59
N ASN B 117 13.59 31.89 32.33
CA ASN B 117 14.43 33.06 32.47
C ASN B 117 15.61 32.99 31.52
N LEU B 118 16.06 34.16 31.09
CA LEU B 118 17.32 34.31 30.37
C LEU B 118 18.21 35.29 31.15
N ILE B 119 19.50 34.96 31.26
CA ILE B 119 20.46 35.79 31.99
C ILE B 119 21.71 35.95 31.14
N LEU B 120 21.97 37.17 30.69
CA LEU B 120 23.20 37.43 29.95
C LEU B 120 24.27 37.89 30.93
N HIS B 121 25.52 37.71 30.55
CA HIS B 121 26.57 38.09 31.48
C HIS B 121 26.68 39.60 31.56
N LYS B 122 26.69 40.10 32.79
CA LYS B 122 26.75 41.54 33.03
C LYS B 122 27.86 42.20 32.22
N ASP B 123 29.07 41.66 32.32
CA ASP B 123 30.22 42.28 31.67
C ASP B 123 30.48 41.73 30.29
N TYR B 124 29.43 41.45 29.51
CA TYR B 124 29.57 41.07 28.12
C TYR B 124 30.01 42.24 27.24
N SER B 125 31.10 42.07 26.47
CA SER B 125 31.63 43.10 25.58
C SER B 125 32.02 42.47 24.25
N ALA B 126 31.95 43.27 23.18
CA ALA B 126 32.34 42.82 21.85
C ALA B 126 32.57 44.04 20.97
N ASP B 127 33.32 45.00 21.47
CA ASP B 127 33.70 46.14 20.66
C ASP B 127 34.68 45.76 19.57
N THR B 128 34.88 44.49 19.35
CA THR B 128 35.96 44.03 18.49
C THR B 128 35.68 42.57 18.15
N LEU B 129 36.50 42.03 17.26
CA LEU B 129 36.41 40.62 16.90
C LEU B 129 36.11 39.74 18.09
N ALA B 130 36.85 39.91 19.18
CA ALA B 130 36.68 39.06 20.35
C ALA B 130 35.40 39.41 21.08
N HIS B 131 34.65 38.38 21.47
CA HIS B 131 33.69 38.56 22.55
C HIS B 131 34.40 38.39 23.89
N HIS B 132 33.80 38.98 24.92
CA HIS B 132 34.31 38.84 26.27
C HIS B 132 33.16 38.53 27.20
N ASN B 133 33.33 37.49 28.02
CA ASN B 133 32.32 37.05 28.98
C ASN B 133 31.09 36.55 28.24
N ASP B 134 31.33 35.76 27.20
CA ASP B 134 30.30 35.36 26.26
C ASP B 134 29.62 34.11 26.80
N ILE B 135 28.67 34.34 27.69
CA ILE B 135 28.17 33.28 28.54
C ILE B 135 26.76 33.60 28.98
N ALA B 136 25.80 32.75 28.64
CA ALA B 136 24.40 33.02 29.00
C ALA B 136 23.74 31.75 29.53
N LEU B 137 22.81 31.93 30.47
CA LEU B 137 22.02 30.84 31.05
C LEU B 137 20.53 31.02 30.75
N LEU B 138 19.88 29.93 30.39
CA LEU B 138 18.43 29.90 30.18
C LEU B 138 17.77 28.89 31.11
N LYS B 139 16.72 29.31 31.80
CA LYS B 139 15.90 28.43 32.62
C LYS B 139 14.72 27.96 31.79
N ILE B 140 14.63 26.65 31.59
CA ILE B 140 13.64 26.07 30.68
C ILE B 140 12.52 25.44 31.50
N ARG B 141 11.34 25.36 30.89
CA ARG B 141 10.22 24.59 31.41
C ARG B 141 9.21 24.33 30.30
N SER B 142 8.81 23.06 30.18
CA SER B 142 7.91 22.63 29.12
C SER B 142 6.50 23.16 29.36
N LYS B 143 5.66 23.01 28.33
CA LYS B 143 4.28 23.50 28.40
C LYS B 143 3.50 22.81 29.49
N GLU B 144 3.91 21.61 29.89
CA GLU B 144 3.27 20.88 30.97
C GLU B 144 3.90 21.18 32.34
N GLY B 145 4.78 22.19 32.41
CA GLY B 145 5.46 22.57 33.63
C GLY B 145 6.65 21.71 34.00
N ARG B 146 6.85 20.60 33.31
CA ARG B 146 7.96 19.70 33.61
C ARG B 146 9.27 20.36 33.24
N CYS B 147 10.29 20.12 34.03
CA CYS B 147 11.62 20.43 33.56
C CYS B 147 12.12 19.25 32.72
N ALA B 148 13.42 19.14 32.53
CA ALA B 148 13.96 18.13 31.64
C ALA B 148 14.01 16.78 32.36
N GLN B 149 13.37 15.76 31.75
CA GLN B 149 13.45 14.36 32.12
C GLN B 149 14.57 13.68 31.33
N PRO B 150 15.45 12.93 31.98
CA PRO B 150 16.56 12.28 31.26
C PRO B 150 16.14 11.07 30.44
N SER B 151 17.03 10.70 29.53
CA SER B 151 16.79 9.61 28.58
C SER B 151 18.05 9.40 27.77
N ARG B 152 17.97 8.63 26.68
CA ARG B 152 19.12 8.53 25.79
C ARG B 152 19.24 9.77 24.90
N THR B 153 18.11 10.40 24.56
CA THR B 153 18.16 11.67 23.87
C THR B 153 18.66 12.78 24.78
N ILE B 154 18.19 12.82 26.02
CA ILE B 154 18.25 13.98 26.88
C ILE B 154 19.16 13.68 28.07
N GLN B 155 20.29 14.36 28.15
CA GLN B 155 21.25 14.12 29.22
C GLN B 155 21.81 15.44 29.69
N THR B 156 22.22 15.50 30.96
CA THR B 156 22.92 16.72 31.29
C THR B 156 24.40 16.57 30.96
N ILE B 157 25.11 17.70 31.05
CA ILE B 157 26.53 17.75 30.74
C ILE B 157 27.27 18.09 32.04
N ALA B 158 28.41 17.45 32.24
CA ALA B 158 29.20 17.70 33.43
C ALA B 158 29.88 19.06 33.28
N LEU B 159 29.67 19.95 34.23
CA LEU B 159 30.50 21.13 34.30
C LEU B 159 31.94 20.71 34.63
N PRO B 160 32.93 21.50 34.24
CA PRO B 160 34.29 21.20 34.71
C PRO B 160 34.43 21.53 36.17
N SER B 161 35.67 21.57 36.63
CA SER B 161 35.98 22.01 37.96
C SER B 161 37.14 22.97 37.84
N MET B 162 37.44 23.60 38.98
CA MET B 162 38.34 24.74 39.02
C MET B 162 39.60 24.51 38.21
N TYR B 163 40.27 23.38 38.44
CA TYR B 163 41.57 23.09 37.83
C TYR B 163 41.54 21.73 37.14
N ASN B 164 40.68 21.57 36.15
CA ASN B 164 40.62 20.33 35.41
C ASN B 164 40.65 20.54 33.90
N ASP B 165 41.11 21.70 33.45
CA ASP B 165 41.23 21.94 32.02
C ASP B 165 42.23 20.97 31.43
N PRO B 166 41.88 20.27 30.35
CA PRO B 166 42.79 19.31 29.75
C PRO B 166 44.05 19.96 29.21
N GLN B 167 45.03 19.10 28.95
CA GLN B 167 46.31 19.52 28.39
C GLN B 167 46.08 20.20 27.06
N PHE B 168 46.93 21.16 26.72
CA PHE B 168 46.84 21.63 25.34
C PHE B 168 47.25 20.48 24.44
N GLY B 169 46.59 20.36 23.29
CA GLY B 169 46.80 19.27 22.36
C GLY B 169 45.81 18.14 22.50
N THR B 170 45.14 18.07 23.64
CA THR B 170 43.99 17.21 23.86
C THR B 170 42.96 17.39 22.76
N SER B 171 42.11 16.41 22.54
CA SER B 171 41.15 16.43 21.46
C SER B 171 39.75 16.45 22.04
N CYS B 172 39.08 17.59 21.95
CA CYS B 172 37.69 17.70 22.36
C CYS B 172 36.80 17.72 21.12
N GLU B 173 35.51 17.54 21.33
CA GLU B 173 34.58 17.63 20.23
C GLU B 173 33.65 18.82 20.41
N ILE B 174 33.20 19.33 19.26
CA ILE B 174 32.26 20.44 19.12
C ILE B 174 31.14 19.92 18.23
N THR B 175 29.96 20.51 18.37
CA THR B 175 28.80 20.03 17.64
C THR B 175 27.76 21.14 17.45
N GLY B 176 27.02 21.04 16.35
CA GLY B 176 25.94 21.96 16.11
C GLY B 176 25.43 21.93 14.67
N PHE B 177 24.49 22.86 14.42
CA PHE B 177 23.87 23.06 13.13
C PHE B 177 24.51 24.19 12.33
N GLY B 178 25.66 24.69 12.72
CA GLY B 178 26.28 25.81 12.06
C GLY B 178 26.52 25.53 10.59
N LYS B 179 26.90 26.54 9.81
CA LYS B 179 27.06 26.28 8.39
C LYS B 179 28.24 25.35 8.16
N GLU B 180 28.31 24.78 6.95
CA GLU B 180 29.35 23.84 6.58
C GLU B 180 30.43 24.46 5.72
N GLN B 181 30.26 25.72 5.31
CA GLN B 181 31.26 26.54 4.61
C GLN B 181 31.01 28.00 4.98
N SER B 182 32.09 28.76 5.24
CA SER B 182 31.87 30.14 5.74
C SER B 182 31.08 30.98 4.75
N THR B 183 31.26 30.77 3.45
CA THR B 183 30.44 31.41 2.43
C THR B 183 29.31 30.48 2.03
N ASP B 184 28.34 30.32 2.92
CA ASP B 184 27.21 29.46 2.59
C ASP B 184 25.92 30.10 3.10
N TYR B 185 24.83 29.71 2.46
CA TYR B 185 23.51 30.27 2.73
C TYR B 185 22.68 29.37 3.66
N LEU B 186 22.63 28.08 3.40
CA LEU B 186 21.79 27.22 4.22
C LEU B 186 22.56 26.72 5.43
N TYR B 187 21.82 26.27 6.39
CA TYR B 187 22.30 25.51 7.52
C TYR B 187 22.08 24.03 7.26
N PRO B 188 23.01 23.16 7.63
CA PRO B 188 22.81 21.72 7.40
C PRO B 188 21.62 21.25 8.20
N GLU B 189 20.85 20.33 7.63
CA GLU B 189 19.58 20.04 8.27
C GLU B 189 19.68 18.94 9.34
N GLN B 190 20.75 18.15 9.32
CA GLN B 190 21.11 17.22 10.38
C GLN B 190 22.29 17.76 11.18
N LEU B 191 22.27 17.51 12.49
CA LEU B 191 23.34 17.94 13.40
C LEU B 191 24.67 17.34 13.00
N LYS B 192 25.75 18.10 13.23
CA LYS B 192 27.10 17.65 12.92
C LYS B 192 27.95 17.55 14.18
N MET B 193 29.13 16.95 14.02
CA MET B 193 30.13 16.95 15.08
C MET B 193 31.49 16.80 14.44
N THR B 194 32.51 17.19 15.17
CA THR B 194 33.88 17.10 14.69
C THR B 194 34.81 17.31 15.89
N VAL B 195 36.06 16.95 15.70
CA VAL B 195 37.03 16.94 16.78
C VAL B 195 38.13 17.96 16.49
N VAL B 196 38.33 18.85 17.44
CA VAL B 196 39.41 19.82 17.42
C VAL B 196 40.36 19.59 18.60
N LYS B 197 41.57 20.14 18.48
CA LYS B 197 42.61 20.01 19.49
C LYS B 197 42.86 21.37 20.16
N LEU B 198 42.66 21.40 21.47
CA LEU B 198 43.01 22.55 22.28
C LEU B 198 44.36 23.16 21.91
N ILE B 199 44.42 24.49 21.95
CA ILE B 199 45.64 25.24 21.64
C ILE B 199 45.99 26.13 22.83
N SER B 200 47.27 26.16 23.19
CA SER B 200 47.71 26.94 24.34
C SER B 200 47.42 28.41 24.14
N HIS B 201 47.07 29.08 25.23
CA HIS B 201 46.80 30.52 25.11
C HIS B 201 48.07 31.29 24.74
N ARG B 202 49.24 30.82 25.13
CA ARG B 202 50.49 31.47 24.69
C ARG B 202 50.66 31.33 23.19
N GLU B 203 50.00 30.36 22.59
CA GLU B 203 50.17 30.09 21.18
C GLU B 203 49.26 30.95 20.31
N CYS B 204 48.02 31.19 20.70
CA CYS B 204 47.18 31.95 19.80
C CYS B 204 47.16 33.44 20.12
N GLN B 205 47.70 33.85 21.26
CA GLN B 205 48.10 35.23 21.54
C GLN B 205 49.16 35.73 20.57
N GLN B 206 49.43 35.00 19.52
CA GLN B 206 50.53 35.30 18.63
C GLN B 206 50.09 36.29 17.55
N PRO B 207 51.03 37.06 17.00
CA PRO B 207 50.65 37.94 15.89
C PRO B 207 49.95 37.25 14.74
N HIS B 208 50.52 36.13 14.26
CA HIS B 208 49.98 35.37 13.15
C HIS B 208 48.62 34.80 13.46
N TYR B 209 48.30 34.74 14.74
CA TYR B 209 47.03 34.22 15.19
C TYR B 209 46.03 35.34 15.51
N TYR B 210 45.80 35.61 16.80
CA TYR B 210 44.85 36.60 17.26
C TYR B 210 45.46 37.58 18.27
N GLY B 211 46.79 37.71 18.33
CA GLY B 211 47.49 38.56 19.29
C GLY B 211 46.74 38.96 20.55
N SER B 212 46.77 40.25 20.89
CA SER B 212 46.08 40.76 22.06
C SER B 212 44.56 40.51 22.05
N GLU B 213 44.01 39.92 20.99
CA GLU B 213 42.55 39.88 20.93
C GLU B 213 41.99 38.87 21.91
N VAL B 214 42.84 38.05 22.49
CA VAL B 214 42.42 36.84 23.18
C VAL B 214 42.90 36.90 24.62
N THR B 215 42.01 36.57 25.54
CA THR B 215 42.32 36.66 26.95
C THR B 215 42.40 35.27 27.54
N THR B 216 42.87 35.21 28.79
CA THR B 216 42.94 33.92 29.44
C THR B 216 41.59 33.43 29.94
N LYS B 217 40.52 34.23 29.81
CA LYS B 217 39.20 33.67 30.06
C LYS B 217 38.62 33.05 28.80
N MET B 218 39.50 32.78 27.83
CA MET B 218 39.13 32.25 26.52
C MET B 218 40.13 31.16 26.13
N LEU B 219 39.67 30.28 25.23
CA LEU B 219 40.31 29.00 24.99
C LEU B 219 40.24 28.68 23.50
N CYS B 220 41.41 28.64 22.84
CA CYS B 220 41.49 28.43 21.39
C CYS B 220 41.52 26.95 21.09
N ALA B 221 41.07 26.58 19.90
CA ALA B 221 40.96 25.17 19.52
C ALA B 221 40.68 24.98 18.04
N ALA B 222 41.58 24.31 17.35
CA ALA B 222 41.44 24.10 15.92
C ALA B 222 41.94 22.71 15.52
N ASP B 223 41.59 22.32 14.30
CA ASP B 223 42.26 21.19 13.70
C ASP B 223 43.72 21.56 13.46
N PRO B 224 44.62 20.60 13.43
CA PRO B 224 46.03 20.96 13.29
C PRO B 224 46.40 21.24 11.86
N GLN B 225 45.65 20.71 10.91
CA GLN B 225 45.74 21.14 9.52
C GLN B 225 44.56 21.97 9.10
N TRP B 226 43.78 22.45 10.06
CA TRP B 226 42.74 23.45 9.80
C TRP B 226 41.69 22.91 8.83
N LYS B 227 41.48 21.59 8.82
CA LYS B 227 40.50 21.04 7.90
C LYS B 227 39.08 21.11 8.45
N THR B 228 38.89 21.43 9.72
CA THR B 228 37.57 21.33 10.30
C THR B 228 37.45 22.32 11.45
N ASP B 229 36.27 22.89 11.62
CA ASP B 229 36.06 23.87 12.68
C ASP B 229 34.57 24.03 12.94
N SER B 230 34.27 24.98 13.81
CA SER B 230 32.92 25.51 13.98
C SER B 230 32.73 26.70 13.05
N CYS B 231 31.47 26.97 12.73
CA CYS B 231 31.15 28.07 11.84
C CYS B 231 29.93 28.80 12.40
N GLN B 232 29.48 29.81 11.67
CA GLN B 232 28.29 30.53 12.07
C GLN B 232 27.11 29.59 12.19
N GLY B 233 26.38 29.73 13.28
CA GLY B 233 25.35 28.79 13.64
C GLY B 233 25.72 27.93 14.82
N ASP B 234 27.00 27.59 14.94
CA ASP B 234 27.54 26.78 16.03
C ASP B 234 27.70 27.56 17.33
N SER B 235 27.48 28.87 17.30
CA SER B 235 27.63 29.66 18.50
C SER B 235 26.75 29.10 19.60
N GLY B 236 27.29 29.14 20.83
CA GLY B 236 26.59 28.71 22.02
C GLY B 236 26.63 27.23 22.29
N GLY B 237 27.24 26.45 21.39
CA GLY B 237 27.28 25.01 21.54
C GLY B 237 28.49 24.53 22.31
N PRO B 238 28.55 23.22 22.55
CA PRO B 238 29.48 22.67 23.55
C PRO B 238 30.83 22.26 23.04
N LEU B 239 31.87 22.70 23.71
CA LEU B 239 33.19 22.09 23.60
C LEU B 239 33.29 21.04 24.70
N VAL B 240 33.32 19.76 24.32
CA VAL B 240 33.22 18.65 25.26
C VAL B 240 34.54 17.89 25.28
N CYS B 241 34.99 17.51 26.47
CA CYS B 241 36.16 16.67 26.62
C CYS B 241 35.86 15.50 27.54
N SER B 242 36.44 14.35 27.21
CA SER B 242 36.46 13.22 28.13
C SER B 242 37.43 13.55 29.26
N LEU B 243 36.89 13.63 30.46
CA LEU B 243 37.68 13.93 31.66
C LEU B 243 37.39 12.89 32.71
N GLN B 244 38.40 12.12 33.10
CA GLN B 244 38.27 11.06 34.08
C GLN B 244 37.06 10.19 33.74
N GLY B 245 36.93 9.88 32.46
CA GLY B 245 35.77 9.15 32.02
C GLY B 245 34.62 10.04 31.63
N ARG B 246 33.98 10.68 32.62
CA ARG B 246 32.77 11.45 32.40
C ARG B 246 33.00 12.48 31.29
N MET B 247 32.00 12.64 30.43
CA MET B 247 32.02 13.71 29.43
C MET B 247 31.77 15.05 30.11
N THR B 248 32.50 16.07 29.65
CA THR B 248 32.52 17.34 30.35
C THR B 248 32.54 18.53 29.38
N LEU B 249 32.04 19.67 29.87
CA LEU B 249 31.85 20.88 29.07
C LEU B 249 32.96 21.88 29.37
N THR B 250 34.05 21.81 28.63
CA THR B 250 35.14 22.68 29.01
C THR B 250 35.10 24.02 28.28
N GLY B 251 34.33 24.14 27.19
CA GLY B 251 34.23 25.39 26.48
C GLY B 251 32.85 25.63 25.86
N ILE B 252 32.60 26.90 25.49
CA ILE B 252 31.40 27.32 24.74
C ILE B 252 31.84 28.04 23.48
N VAL B 253 31.24 27.67 22.34
CA VAL B 253 31.52 28.31 21.04
C VAL B 253 31.19 29.80 21.09
N SER B 254 32.19 30.65 20.86
CA SER B 254 32.06 32.09 21.04
C SER B 254 32.37 32.82 19.73
N TRP B 255 33.58 32.70 19.22
CA TRP B 255 33.95 33.52 18.08
C TRP B 255 35.24 33.03 17.48
N GLY B 256 35.49 33.47 16.26
CA GLY B 256 36.76 33.31 15.60
C GLY B 256 36.66 34.14 14.36
N ARG B 257 37.82 34.32 13.71
CA ARG B 257 37.89 35.11 12.50
C ARG B 257 37.27 34.37 11.34
N GLY B 258 37.95 33.37 10.84
CA GLY B 258 37.42 32.65 9.73
C GLY B 258 36.38 31.63 10.17
N CYS B 259 36.15 30.66 9.30
CA CYS B 259 35.63 29.34 9.63
C CYS B 259 36.72 28.43 9.10
N ALA B 260 37.68 28.09 9.95
CA ALA B 260 38.70 27.11 9.61
C ALA B 260 39.73 27.68 8.64
N LEU B 261 40.33 28.80 9.02
CA LEU B 261 41.49 29.30 8.32
C LEU B 261 42.76 28.93 9.09
N LYS B 262 43.86 28.76 8.35
CA LYS B 262 45.16 28.60 8.99
C LYS B 262 45.41 29.70 10.01
N ASP B 263 46.02 29.33 11.13
CA ASP B 263 46.45 30.29 12.14
C ASP B 263 45.28 31.06 12.75
N LYS B 264 44.06 30.78 12.35
CA LYS B 264 42.88 31.47 12.88
C LYS B 264 41.92 30.47 13.50
N PRO B 265 42.17 30.04 14.73
CA PRO B 265 41.40 28.95 15.33
C PRO B 265 40.00 29.41 15.65
N GLY B 266 39.21 28.46 16.19
CA GLY B 266 38.04 28.84 16.96
C GLY B 266 38.46 29.45 18.28
N VAL B 267 37.49 29.99 19.02
CA VAL B 267 37.72 30.49 20.39
C VAL B 267 36.43 30.27 21.17
N TYR B 268 36.62 29.92 22.48
CA TYR B 268 35.60 29.39 23.39
C TYR B 268 35.66 30.10 24.71
N THR B 269 34.52 30.29 25.32
CA THR B 269 34.47 30.71 26.70
C THR B 269 34.99 29.59 27.61
N ARG B 270 36.13 29.82 28.29
CA ARG B 270 36.67 28.77 29.17
C ARG B 270 35.85 28.66 30.44
N VAL B 271 35.13 27.55 30.58
CA VAL B 271 34.06 27.49 31.57
C VAL B 271 34.61 27.43 32.99
N SER B 272 35.86 27.01 33.18
CA SER B 272 36.41 26.97 34.52
C SER B 272 36.43 28.35 35.16
N HIS B 273 36.62 29.41 34.37
CA HIS B 273 36.75 30.77 34.90
C HIS B 273 35.42 31.42 35.15
N PHE B 274 34.33 30.73 34.85
CA PHE B 274 32.99 31.22 35.13
C PHE B 274 32.22 30.36 36.11
N LEU B 275 32.88 29.41 36.77
CA LEU B 275 32.17 28.56 37.73
C LEU B 275 31.53 29.34 38.86
N PRO B 276 32.17 30.39 39.44
CA PRO B 276 31.44 31.20 40.43
C PRO B 276 30.25 31.89 39.79
N TRP B 277 30.51 32.65 38.72
CA TRP B 277 29.43 33.36 38.04
C TRP B 277 28.27 32.42 37.75
N ILE B 278 28.59 31.26 37.17
CA ILE B 278 27.64 30.16 37.00
C ILE B 278 26.99 29.93 38.35
N ARG B 279 27.63 29.15 39.24
CA ARG B 279 27.21 28.97 40.63
C ARG B 279 26.32 30.10 41.16
N SER B 280 26.87 31.33 41.25
CA SER B 280 26.12 32.51 41.69
C SER B 280 24.77 32.60 41.00
N HIS B 281 24.79 32.83 39.68
CA HIS B 281 23.53 32.90 38.95
C HIS B 281 22.87 31.52 38.85
N THR B 282 23.69 30.46 38.70
CA THR B 282 23.17 29.16 38.28
C THR B 282 22.11 28.61 39.20
N LYS B 283 22.34 28.71 40.52
CA LYS B 283 21.38 28.15 41.44
C LYS B 283 19.98 28.66 41.07
N GLU B 284 19.86 29.98 40.96
CA GLU B 284 18.63 30.58 40.46
C GLU B 284 18.87 31.81 39.61
N GLU C 1 -22.67 -3.40 -35.07
CA GLU C 1 -23.66 -3.35 -36.12
C GLU C 1 -24.19 -4.76 -36.50
N ILE C 2 -23.40 -5.82 -36.26
CA ILE C 2 -23.75 -7.17 -36.71
C ILE C 2 -24.62 -7.86 -35.66
N VAL C 3 -25.60 -8.64 -36.11
CA VAL C 3 -26.56 -9.26 -35.21
C VAL C 3 -26.79 -10.70 -35.62
N LEU C 4 -26.92 -11.57 -34.62
CA LEU C 4 -27.12 -13.01 -34.80
C LEU C 4 -28.34 -13.45 -34.01
N THR C 5 -29.09 -14.43 -34.51
CA THR C 5 -30.35 -14.87 -33.90
C THR C 5 -30.42 -16.39 -33.73
N GLN C 6 -30.64 -16.84 -32.48
CA GLN C 6 -30.59 -18.25 -32.08
C GLN C 6 -31.99 -18.82 -31.89
N SER C 7 -32.30 -19.86 -32.64
CA SER C 7 -33.54 -20.61 -32.50
C SER C 7 -33.25 -22.11 -32.43
N PRO C 8 -34.12 -22.89 -31.75
CA PRO C 8 -35.28 -22.45 -30.97
C PRO C 8 -34.84 -21.76 -29.70
N LEU C 9 -35.36 -20.55 -29.45
CA LEU C 9 -35.04 -19.79 -28.25
C LEU C 9 -34.88 -20.69 -27.03
N SER C 10 -35.71 -21.73 -26.93
CA SER C 10 -35.61 -22.73 -25.87
C SER C 10 -36.57 -23.88 -26.13
N LEU C 11 -36.08 -25.12 -26.04
CA LEU C 11 -36.93 -26.30 -26.20
C LEU C 11 -36.26 -27.50 -25.54
N PRO C 12 -37.03 -28.43 -25.01
CA PRO C 12 -36.48 -29.60 -24.30
C PRO C 12 -36.00 -30.71 -25.23
N VAL C 13 -35.47 -31.78 -24.61
CA VAL C 13 -35.06 -33.04 -25.26
C VAL C 13 -35.44 -34.22 -24.38
N THR C 14 -35.09 -35.44 -24.80
CA THR C 14 -35.03 -36.54 -23.83
C THR C 14 -33.65 -37.18 -23.90
N PRO C 15 -33.13 -37.79 -22.80
CA PRO C 15 -31.81 -38.41 -22.89
C PRO C 15 -31.75 -39.46 -23.99
N GLY C 16 -31.17 -39.08 -25.15
CA GLY C 16 -31.12 -39.90 -26.35
C GLY C 16 -31.52 -39.16 -27.62
N GLU C 17 -32.44 -38.15 -27.50
CA GLU C 17 -33.01 -37.26 -28.52
C GLU C 17 -32.02 -36.18 -28.94
N PRO C 18 -32.06 -35.73 -30.19
CA PRO C 18 -31.10 -34.74 -30.66
C PRO C 18 -31.53 -33.30 -30.36
N ALA C 19 -30.60 -32.37 -30.56
CA ALA C 19 -30.84 -30.96 -30.29
C ALA C 19 -30.21 -30.11 -31.38
N SER C 20 -31.05 -29.39 -32.13
CA SER C 20 -30.61 -28.56 -33.24
C SER C 20 -30.83 -27.10 -32.87
N ILE C 21 -29.75 -26.33 -32.89
CA ILE C 21 -29.77 -24.91 -32.56
C ILE C 21 -29.24 -24.14 -33.77
N SER C 22 -29.97 -23.10 -34.19
CA SER C 22 -29.70 -22.39 -35.42
C SER C 22 -29.21 -20.99 -35.12
N CYS C 23 -28.15 -20.57 -35.80
CA CYS C 23 -27.61 -19.22 -35.69
C CYS C 23 -27.79 -18.57 -37.06
N ARG C 24 -28.35 -17.35 -37.09
CA ARG C 24 -28.68 -16.63 -38.32
C ARG C 24 -28.18 -15.19 -38.24
N SER C 25 -27.49 -14.75 -39.30
CA SER C 25 -26.63 -13.57 -39.26
C SER C 25 -27.08 -12.49 -40.23
N SER C 26 -26.60 -11.27 -39.98
CA SER C 26 -26.85 -10.10 -40.82
C SER C 26 -25.77 -9.86 -41.86
N GLN C 27 -24.87 -10.83 -42.05
CA GLN C 27 -23.71 -10.67 -42.93
C GLN C 27 -23.17 -12.03 -43.36
N LEU C 28 -19.77 -12.97 -42.55
CA LEU C 28 -19.35 -13.97 -41.59
C LEU C 28 -18.43 -15.01 -42.24
N MET C 29 -18.03 -14.72 -43.49
CA MET C 29 -17.12 -15.52 -44.31
C MET C 29 -16.43 -14.58 -45.28
N ASN C 30 -15.09 -14.59 -45.30
CA ASN C 30 -14.34 -13.79 -46.28
C ASN C 30 -14.45 -14.51 -47.63
N ARG C 31 -13.36 -14.94 -48.30
CA ARG C 31 -13.55 -15.85 -49.44
C ARG C 31 -12.73 -17.15 -49.43
N ASN C 32 -11.96 -17.48 -48.34
CA ASN C 32 -11.16 -18.69 -48.00
C ASN C 32 -12.02 -19.87 -47.63
N GLY C 33 -13.35 -19.72 -47.62
CA GLY C 33 -14.16 -20.73 -47.01
C GLY C 33 -13.94 -20.79 -45.51
N ASN C 34 -13.98 -19.63 -44.84
CA ASN C 34 -13.80 -19.55 -43.40
C ASN C 34 -15.00 -18.88 -42.76
N ASN C 35 -15.70 -19.61 -41.92
CA ASN C 35 -16.79 -19.06 -41.13
C ASN C 35 -16.30 -18.86 -39.70
N PHE C 36 -16.19 -17.61 -39.27
CA PHE C 36 -15.79 -17.27 -37.89
C PHE C 36 -17.02 -17.26 -36.99
N LEU C 37 -17.56 -18.46 -36.79
CA LEU C 37 -18.73 -18.68 -35.94
C LEU C 37 -18.40 -19.74 -34.90
N ASP C 38 -18.52 -19.39 -33.62
CA ASP C 38 -18.17 -20.29 -32.53
C ASP C 38 -19.39 -20.59 -31.67
N TRP C 39 -19.40 -21.78 -31.07
CA TRP C 39 -20.53 -22.30 -30.30
C TRP C 39 -20.07 -22.57 -28.88
N TYR C 40 -20.56 -21.79 -27.93
CA TYR C 40 -20.13 -21.93 -26.54
C TYR C 40 -21.25 -22.50 -25.69
N LEU C 41 -20.87 -22.99 -24.51
CA LEU C 41 -21.89 -23.42 -23.57
C LEU C 41 -21.48 -23.31 -22.11
N GLN C 42 -22.07 -22.31 -21.47
CA GLN C 42 -22.32 -22.23 -20.03
C GLN C 42 -23.22 -23.35 -19.53
N LYS C 43 -22.65 -24.32 -18.80
CA LYS C 43 -23.38 -25.46 -18.24
C LYS C 43 -24.20 -24.99 -17.03
N PRO C 44 -25.14 -25.86 -16.47
CA PRO C 44 -25.99 -25.36 -15.37
C PRO C 44 -25.18 -25.12 -14.11
N GLY C 45 -24.39 -24.07 -14.17
CA GLY C 45 -23.39 -23.69 -13.19
C GLY C 45 -22.93 -22.36 -13.73
N GLN C 46 -21.65 -22.20 -14.03
CA GLN C 46 -21.18 -20.96 -14.66
C GLN C 46 -19.94 -21.24 -15.51
N SER C 47 -19.40 -20.15 -16.09
CA SER C 47 -18.25 -20.06 -16.99
C SER C 47 -18.54 -20.79 -18.30
N PRO C 48 -18.81 -20.07 -19.41
CA PRO C 48 -19.12 -20.76 -20.67
C PRO C 48 -17.98 -21.65 -21.17
N GLN C 49 -18.35 -22.79 -21.76
CA GLN C 49 -17.43 -23.80 -22.27
C GLN C 49 -17.48 -23.80 -23.79
N LEU C 50 -16.32 -23.83 -24.44
CA LEU C 50 -16.29 -23.83 -25.91
C LEU C 50 -16.46 -25.25 -26.45
N LEU C 51 -17.42 -25.41 -27.36
CA LEU C 51 -17.67 -26.67 -28.06
C LEU C 51 -17.16 -26.65 -29.50
N ILE C 52 -17.60 -25.68 -30.30
CA ILE C 52 -17.30 -25.61 -31.73
C ILE C 52 -16.71 -24.24 -32.04
N TYR C 53 -15.65 -24.21 -32.86
CA TYR C 53 -15.02 -22.99 -33.33
C TYR C 53 -14.83 -23.05 -34.86
N LEU C 54 -14.69 -21.87 -35.48
CA LEU C 54 -14.60 -21.67 -36.93
C LEU C 54 -15.70 -22.43 -37.69
N GLY C 55 -16.93 -22.21 -37.26
CA GLY C 55 -18.12 -22.85 -37.84
C GLY C 55 -18.31 -24.33 -37.61
N SER C 56 -17.23 -25.12 -37.75
CA SER C 56 -17.38 -26.56 -37.85
C SER C 56 -16.20 -27.36 -37.26
N ASN C 57 -15.42 -26.75 -36.36
CA ASN C 57 -14.31 -27.45 -35.73
C ASN C 57 -14.64 -27.72 -34.26
N ARG C 58 -14.22 -28.89 -33.77
CA ARG C 58 -14.50 -29.26 -32.39
C ARG C 58 -13.33 -28.83 -31.49
N ALA C 59 -13.66 -28.34 -30.31
CA ALA C 59 -12.73 -27.75 -29.35
C ALA C 59 -12.19 -28.83 -28.41
N PRO C 60 -11.16 -28.54 -27.59
CA PRO C 60 -10.44 -29.63 -26.94
C PRO C 60 -11.18 -30.17 -25.73
N GLY C 61 -11.04 -31.47 -25.50
CA GLY C 61 -11.74 -32.10 -24.41
C GLY C 61 -13.25 -32.10 -24.56
N VAL C 62 -13.74 -31.91 -25.77
CA VAL C 62 -15.18 -31.95 -26.06
C VAL C 62 -15.52 -33.39 -26.41
N PRO C 63 -16.63 -33.92 -25.93
CA PRO C 63 -17.02 -35.29 -26.32
C PRO C 63 -17.28 -35.37 -27.81
N ASP C 64 -17.09 -36.57 -28.36
CA ASP C 64 -17.27 -36.80 -29.79
C ASP C 64 -18.70 -36.48 -30.26
N ARG C 65 -19.59 -36.05 -29.37
CA ARG C 65 -21.02 -35.98 -29.70
C ARG C 65 -21.41 -34.66 -30.34
N PHE C 66 -20.79 -33.55 -29.91
CA PHE C 66 -21.21 -32.23 -30.34
C PHE C 66 -20.70 -31.92 -31.74
N SER C 67 -21.61 -31.66 -32.67
CA SER C 67 -21.27 -31.29 -34.03
C SER C 67 -21.78 -29.88 -34.32
N GLY C 68 -21.08 -29.18 -35.21
CA GLY C 68 -21.56 -27.90 -35.70
C GLY C 68 -21.15 -27.71 -37.14
N SER C 69 -21.99 -27.08 -37.95
CA SER C 69 -21.66 -26.90 -39.37
C SER C 69 -22.68 -26.00 -40.04
N GLY C 70 -22.22 -25.18 -40.97
CA GLY C 70 -23.10 -24.31 -41.71
C GLY C 70 -22.35 -23.51 -42.75
N SER C 71 -23.02 -22.49 -43.27
CA SER C 71 -22.45 -21.67 -44.33
C SER C 71 -22.91 -20.23 -44.15
N GLY C 72 -21.99 -19.29 -44.37
CA GLY C 72 -22.30 -17.87 -44.43
C GLY C 72 -23.23 -17.31 -43.37
N THR C 73 -24.52 -17.66 -43.48
CA THR C 73 -25.58 -17.14 -42.61
C THR C 73 -26.35 -18.25 -41.87
N ASP C 74 -26.92 -19.23 -42.59
CA ASP C 74 -27.56 -20.38 -41.94
C ASP C 74 -26.54 -21.26 -41.25
N PHE C 75 -26.62 -21.40 -39.93
CA PHE C 75 -25.67 -22.22 -39.19
C PHE C 75 -26.39 -23.17 -38.24
N THR C 76 -25.72 -24.28 -37.91
CA THR C 76 -26.29 -25.25 -36.98
C THR C 76 -25.19 -25.79 -36.09
N LEU C 77 -25.60 -26.20 -34.89
CA LEU C 77 -24.82 -27.05 -33.99
C LEU C 77 -25.67 -28.28 -33.72
N LYS C 78 -25.14 -29.44 -34.06
CA LYS C 78 -25.89 -30.70 -34.06
C LYS C 78 -25.43 -31.59 -32.93
N ILE C 79 -26.08 -31.48 -31.78
CA ILE C 79 -25.99 -32.52 -30.77
C ILE C 79 -26.90 -33.66 -31.19
N SER C 80 -26.42 -34.90 -31.13
CA SER C 80 -27.28 -36.03 -31.47
C SER C 80 -27.76 -36.65 -30.17
N ARG C 81 -27.31 -37.87 -29.83
CA ARG C 81 -27.57 -38.42 -28.50
C ARG C 81 -27.17 -37.42 -27.43
N VAL C 82 -28.07 -37.18 -26.47
CA VAL C 82 -27.87 -36.15 -25.46
C VAL C 82 -27.69 -36.80 -24.09
N GLU C 83 -26.75 -36.28 -23.30
CA GLU C 83 -26.53 -36.75 -21.94
C GLU C 83 -27.17 -35.78 -20.96
N ALA C 84 -27.10 -36.10 -19.66
CA ALA C 84 -27.84 -35.32 -18.68
C ALA C 84 -27.14 -33.99 -18.38
N GLU C 85 -25.82 -33.93 -18.55
CA GLU C 85 -25.00 -32.77 -18.19
C GLU C 85 -24.98 -31.67 -19.25
N ASP C 86 -25.71 -31.83 -20.35
CA ASP C 86 -25.75 -30.84 -21.43
C ASP C 86 -26.78 -29.74 -21.20
N VAL C 87 -27.53 -29.79 -20.10
CA VAL C 87 -28.53 -28.76 -19.84
C VAL C 87 -27.85 -27.40 -19.70
N GLY C 88 -28.51 -26.36 -20.18
CA GLY C 88 -27.99 -25.01 -20.10
C GLY C 88 -28.56 -24.16 -21.23
N VAL C 89 -28.13 -22.89 -21.23
CA VAL C 89 -28.29 -22.01 -22.40
C VAL C 89 -27.32 -22.58 -23.43
N TYR C 90 -27.26 -22.00 -24.65
CA TYR C 90 -26.32 -22.37 -25.73
C TYR C 90 -26.09 -21.15 -26.63
N TYR C 91 -24.85 -20.67 -26.70
CA TYR C 91 -24.53 -19.40 -27.38
C TYR C 91 -23.71 -19.60 -28.65
N CYS C 92 -24.00 -18.79 -29.69
CA CYS C 92 -23.13 -18.62 -30.85
C CYS C 92 -22.55 -17.20 -30.86
N MET C 93 -21.41 -17.05 -31.56
CA MET C 93 -20.62 -15.83 -31.47
C MET C 93 -19.93 -15.56 -32.80
N ALA C 94 -19.70 -14.28 -33.08
CA ALA C 94 -19.06 -13.81 -34.30
C ALA C 94 -17.59 -13.48 -34.04
N ARG C 95 -16.79 -13.57 -35.10
CA ARG C 95 -15.38 -13.17 -35.04
C ARG C 95 -14.92 -12.77 -36.44
N VAL C 96 -15.80 -12.08 -37.19
CA VAL C 96 -15.48 -11.68 -38.55
C VAL C 96 -14.91 -10.27 -38.55
N GLU C 97 -15.78 -9.26 -38.52
CA GLU C 97 -15.38 -7.86 -38.69
C GLU C 97 -15.63 -7.04 -37.43
N ALA C 98 -14.69 -6.13 -37.12
CA ALA C 98 -14.91 -4.99 -36.22
C ALA C 98 -15.33 -5.53 -34.84
N PRO C 99 -16.27 -4.93 -34.07
CA PRO C 99 -16.63 -5.59 -32.81
C PRO C 99 -17.32 -6.94 -33.02
N TYR C 100 -16.88 -7.93 -32.24
CA TYR C 100 -17.51 -9.24 -32.21
C TYR C 100 -18.86 -9.18 -31.51
N SER C 101 -19.69 -10.20 -31.71
CA SER C 101 -21.05 -10.16 -31.17
C SER C 101 -21.55 -11.55 -30.77
N PHE C 102 -22.52 -11.54 -29.86
CA PHE C 102 -23.20 -12.73 -29.38
C PHE C 102 -24.67 -12.70 -29.79
N GLY C 103 -25.29 -13.88 -29.77
CA GLY C 103 -26.74 -13.99 -29.82
C GLY C 103 -27.31 -14.15 -28.42
N GLN C 104 -28.63 -14.38 -28.36
CA GLN C 104 -29.26 -14.53 -27.06
C GLN C 104 -28.82 -15.81 -26.36
N GLY C 105 -28.74 -16.92 -27.10
CA GLY C 105 -28.52 -18.18 -26.43
C GLY C 105 -29.83 -18.90 -26.16
N THR C 106 -29.77 -20.23 -26.22
CA THR C 106 -30.98 -21.06 -26.22
C THR C 106 -30.92 -22.07 -25.09
N LYS C 107 -31.91 -21.99 -24.19
CA LYS C 107 -31.95 -22.78 -22.97
C LYS C 107 -32.37 -24.22 -23.27
N LEU C 108 -31.71 -25.19 -22.62
CA LEU C 108 -31.90 -26.60 -22.90
C LEU C 108 -32.47 -27.31 -21.68
N GLU C 109 -33.49 -28.14 -21.91
CA GLU C 109 -34.22 -28.76 -20.81
C GLU C 109 -34.36 -30.27 -20.99
N ILE C 110 -35.48 -30.82 -20.55
CA ILE C 110 -35.84 -32.22 -20.79
C ILE C 110 -37.33 -32.35 -21.11
N ARG C 111 -36.72 -36.75 -18.31
CA ARG C 111 -37.22 -36.37 -17.00
C ARG C 111 -38.50 -37.14 -16.71
N THR C 112 -38.38 -38.24 -15.97
CA THR C 112 -39.55 -39.04 -15.62
C THR C 112 -40.42 -38.26 -14.64
N VAL C 113 -41.55 -38.84 -14.21
CA VAL C 113 -42.42 -38.13 -13.27
C VAL C 113 -41.68 -37.89 -11.96
N VAL C 114 -42.06 -36.81 -11.26
CA VAL C 114 -41.29 -36.36 -10.08
C VAL C 114 -42.11 -35.40 -9.22
N ALA C 115 -42.06 -35.64 -7.91
CA ALA C 115 -42.63 -34.78 -6.87
C ALA C 115 -41.74 -35.01 -5.65
N PRO C 116 -41.34 -33.96 -4.92
CA PRO C 116 -40.32 -34.12 -3.86
C PRO C 116 -40.87 -33.99 -2.45
N SER C 117 -40.05 -34.30 -1.45
CA SER C 117 -40.52 -34.34 -0.06
C SER C 117 -40.87 -32.93 0.45
N VAL C 118 -41.43 -32.89 1.66
CA VAL C 118 -41.79 -31.62 2.31
C VAL C 118 -40.62 -31.05 3.09
N PHE C 119 -39.50 -31.75 3.14
CA PHE C 119 -38.25 -31.20 3.68
C PHE C 119 -38.47 -30.79 5.14
N ILE C 120 -37.93 -29.65 5.56
CA ILE C 120 -37.91 -29.25 6.96
C ILE C 120 -36.53 -28.69 7.26
N PHE C 121 -36.48 -27.64 8.09
CA PHE C 121 -35.26 -26.97 8.51
C PHE C 121 -35.33 -26.66 10.00
N PRO C 122 -34.23 -26.21 10.63
CA PRO C 122 -34.26 -25.92 12.07
C PRO C 122 -33.11 -25.02 12.51
N PRO C 123 -33.41 -23.90 13.18
CA PRO C 123 -32.33 -23.06 13.72
C PRO C 123 -32.00 -23.42 15.16
N SER C 124 -30.91 -24.15 15.37
CA SER C 124 -30.58 -24.72 16.68
C SER C 124 -29.83 -23.73 17.57
N ASP C 125 -30.32 -22.50 17.65
CA ASP C 125 -29.71 -21.48 18.51
C ASP C 125 -28.74 -20.60 17.74
N GLU C 126 -29.08 -20.29 16.48
CA GLU C 126 -28.28 -19.40 15.65
C GLU C 126 -29.05 -18.21 15.10
N GLN C 127 -30.38 -18.20 15.26
CA GLN C 127 -31.22 -17.07 14.87
C GLN C 127 -32.19 -16.65 15.98
N LEU C 128 -32.08 -17.25 17.16
CA LEU C 128 -32.84 -16.76 18.29
C LEU C 128 -32.11 -15.65 19.05
N LYS C 129 -30.79 -15.58 18.92
CA LYS C 129 -29.97 -14.56 19.58
C LYS C 129 -29.54 -13.44 18.64
N SER C 130 -29.27 -13.77 17.38
CA SER C 130 -29.07 -12.74 16.37
C SER C 130 -30.37 -12.04 15.99
N GLY C 131 -31.52 -12.67 16.27
CA GLY C 131 -32.84 -12.10 15.98
C GLY C 131 -33.98 -13.08 16.23
N THR C 132 -34.87 -13.24 15.25
CA THR C 132 -35.91 -14.25 15.28
C THR C 132 -35.57 -15.38 14.32
N ALA C 133 -36.33 -16.47 14.41
CA ALA C 133 -36.12 -17.63 13.56
C ALA C 133 -37.08 -17.63 12.38
N SER C 134 -36.56 -17.91 11.18
CA SER C 134 -37.39 -18.03 10.00
C SER C 134 -37.89 -19.46 9.85
N VAL C 135 -38.79 -19.66 8.88
CA VAL C 135 -39.36 -20.98 8.60
C VAL C 135 -39.76 -21.06 7.13
N VAL C 136 -39.31 -22.10 6.44
CA VAL C 136 -39.46 -22.20 4.99
C VAL C 136 -40.29 -23.41 4.61
N CYS C 137 -41.05 -23.26 3.51
CA CYS C 137 -41.74 -24.39 2.90
C CYS C 137 -40.73 -25.14 2.03
N LEU C 138 -40.31 -26.33 2.48
CA LEU C 138 -39.34 -27.12 1.77
C LEU C 138 -39.93 -27.69 0.48
N LEU C 139 -39.30 -28.74 -0.08
CA LEU C 139 -39.77 -29.33 -1.33
C LEU C 139 -38.69 -29.32 -2.40
N ASN C 140 -37.73 -30.23 -2.31
CA ASN C 140 -36.55 -30.23 -3.19
C ASN C 140 -36.40 -31.58 -3.86
N ASN C 141 -35.71 -31.57 -5.01
CA ASN C 141 -35.56 -32.73 -5.86
C ASN C 141 -36.87 -33.18 -6.51
N PHE C 142 -37.87 -32.28 -6.54
CA PHE C 142 -39.18 -32.59 -7.08
C PHE C 142 -39.33 -31.84 -8.40
N TYR C 143 -39.33 -32.59 -9.51
CA TYR C 143 -39.26 -32.06 -10.86
C TYR C 143 -40.45 -32.53 -11.69
N PRO C 144 -41.13 -31.63 -12.41
CA PRO C 144 -40.67 -30.24 -12.40
C PRO C 144 -41.62 -29.33 -13.14
N ARG C 145 -41.72 -28.09 -12.69
CA ARG C 145 -42.64 -27.11 -13.28
C ARG C 145 -43.82 -26.87 -12.34
N GLU C 146 -44.82 -27.77 -12.40
CA GLU C 146 -46.04 -27.59 -11.62
C GLU C 146 -45.76 -27.75 -10.13
N ALA C 147 -46.00 -26.67 -9.39
CA ALA C 147 -45.94 -26.70 -7.94
C ALA C 147 -47.31 -26.30 -7.38
N LYS C 148 -47.54 -26.71 -6.14
CA LYS C 148 -48.70 -26.29 -5.36
C LYS C 148 -48.18 -25.86 -3.99
N VAL C 149 -48.71 -24.75 -3.48
CA VAL C 149 -48.17 -24.11 -2.28
C VAL C 149 -49.26 -24.05 -1.21
N GLN C 150 -48.93 -24.54 -0.01
CA GLN C 150 -49.83 -24.45 1.15
C GLN C 150 -48.97 -24.57 2.40
N TRP C 151 -49.34 -23.83 3.45
CA TRP C 151 -48.59 -23.88 4.71
C TRP C 151 -49.49 -23.34 5.82
N LYS C 152 -49.61 -24.11 6.92
CA LYS C 152 -50.46 -23.74 8.06
C LYS C 152 -49.69 -24.04 9.34
N VAL C 153 -48.90 -23.06 9.80
CA VAL C 153 -47.92 -23.24 10.88
C VAL C 153 -48.41 -22.53 12.15
N ASP C 154 -48.47 -23.29 13.25
CA ASP C 154 -48.98 -22.80 14.54
C ASP C 154 -50.48 -22.51 14.47
N ASN C 155 -51.18 -23.29 13.64
CA ASN C 155 -52.53 -22.93 13.20
C ASN C 155 -52.54 -21.57 12.51
N ALA C 156 -51.55 -21.34 11.63
CA ALA C 156 -51.43 -20.05 10.95
C ALA C 156 -50.98 -20.24 9.52
N LEU C 157 -51.76 -19.72 8.57
CA LEU C 157 -51.46 -19.86 7.15
C LEU C 157 -52.16 -18.77 6.35
N GLN C 158 -51.82 -18.70 5.06
CA GLN C 158 -52.29 -17.65 4.16
C GLN C 158 -51.43 -17.66 2.90
N SER C 159 -51.14 -16.48 2.34
CA SER C 159 -50.38 -16.37 1.10
C SER C 159 -49.27 -15.32 1.22
N GLY C 160 -48.17 -15.58 0.52
CA GLY C 160 -47.15 -14.57 0.27
C GLY C 160 -46.28 -14.22 1.45
N ASN C 161 -45.87 -15.19 2.25
CA ASN C 161 -45.18 -14.93 3.52
C ASN C 161 -43.66 -14.83 3.38
N SER C 162 -43.11 -15.14 2.21
CA SER C 162 -41.66 -15.02 2.02
C SER C 162 -41.23 -15.28 0.58
N GLN C 163 -39.97 -15.67 0.40
CA GLN C 163 -39.28 -15.55 -0.88
C GLN C 163 -38.97 -16.93 -1.45
N GLU C 164 -39.52 -17.21 -2.62
CA GLU C 164 -39.25 -18.45 -3.32
C GLU C 164 -38.02 -18.29 -4.20
N SER C 165 -37.25 -19.37 -4.33
CA SER C 165 -36.08 -19.40 -5.20
C SER C 165 -35.99 -20.77 -5.85
N VAL C 166 -35.50 -20.81 -7.09
CA VAL C 166 -35.53 -22.01 -7.93
C VAL C 166 -34.10 -22.43 -8.23
N THR C 167 -33.78 -23.69 -7.93
CA THR C 167 -32.50 -24.25 -8.36
C THR C 167 -32.56 -24.52 -9.85
N GLU C 168 -31.43 -24.27 -10.53
CA GLU C 168 -31.38 -24.42 -11.98
C GLU C 168 -31.50 -25.89 -12.38
N GLN C 169 -31.55 -26.12 -13.70
CA GLN C 169 -31.58 -27.45 -14.26
C GLN C 169 -30.50 -28.33 -13.64
N ASP C 170 -30.92 -29.32 -12.85
CA ASP C 170 -29.97 -30.22 -12.20
C ASP C 170 -29.08 -30.88 -13.24
N SER C 171 -27.77 -30.61 -13.14
CA SER C 171 -26.83 -31.16 -14.11
C SER C 171 -26.58 -32.65 -13.91
N LYS C 172 -26.59 -33.11 -12.66
CA LYS C 172 -26.31 -34.51 -12.37
C LYS C 172 -27.55 -35.38 -12.61
N ASP C 173 -28.19 -35.81 -11.52
CA ASP C 173 -29.35 -36.69 -11.57
C ASP C 173 -30.60 -35.85 -11.81
N SER C 174 -30.68 -35.30 -13.03
CA SER C 174 -31.74 -34.46 -13.57
C SER C 174 -32.86 -34.16 -12.60
N THR C 175 -32.66 -33.16 -11.74
CA THR C 175 -33.62 -32.83 -10.71
C THR C 175 -33.98 -31.35 -10.80
N TYR C 176 -35.04 -30.98 -10.11
CA TYR C 176 -35.51 -29.60 -10.04
C TYR C 176 -35.60 -29.20 -8.57
N SER C 177 -35.16 -27.99 -8.26
CA SER C 177 -35.12 -27.50 -6.88
C SER C 177 -35.73 -26.10 -6.83
N LEU C 178 -36.53 -25.87 -5.78
CA LEU C 178 -37.23 -24.60 -5.60
C LEU C 178 -38.08 -24.66 -4.33
N SER C 179 -38.09 -23.59 -3.54
CA SER C 179 -38.80 -23.61 -2.27
C SER C 179 -39.21 -22.20 -1.86
N SER C 180 -40.14 -22.14 -0.89
CA SER C 180 -40.65 -20.88 -0.34
C SER C 180 -40.76 -21.01 1.18
N THR C 181 -41.46 -20.05 1.80
CA THR C 181 -41.60 -20.03 3.26
C THR C 181 -41.82 -18.62 3.81
N LEU C 182 -41.50 -18.38 5.08
CA LEU C 182 -41.79 -17.08 5.69
C LEU C 182 -40.85 -16.78 6.86
N THR C 183 -40.76 -15.50 7.20
CA THR C 183 -39.94 -15.01 8.32
C THR C 183 -40.86 -14.32 9.31
N LEU C 184 -41.03 -14.92 10.49
CA LEU C 184 -42.01 -14.42 11.44
C LEU C 184 -41.42 -13.31 12.30
N SER C 185 -42.30 -12.63 13.03
CA SER C 185 -41.87 -11.59 13.96
C SER C 185 -41.09 -12.22 15.11
N LYS C 186 -40.02 -11.52 15.53
CA LYS C 186 -39.22 -12.00 16.65
C LYS C 186 -40.07 -12.25 17.87
N ALA C 187 -40.95 -11.29 18.22
CA ALA C 187 -41.92 -11.48 19.30
C ALA C 187 -43.06 -12.42 18.93
N ASP C 188 -43.22 -12.75 17.64
CA ASP C 188 -44.27 -13.65 17.18
C ASP C 188 -43.84 -15.11 17.20
N TYR C 189 -42.79 -15.45 17.95
CA TYR C 189 -42.41 -16.85 18.16
C TYR C 189 -43.30 -17.55 19.18
N GLU C 190 -44.01 -16.79 20.01
CA GLU C 190 -44.99 -17.37 20.92
C GLU C 190 -46.31 -17.70 20.23
N LYS C 191 -46.53 -17.20 19.01
CA LYS C 191 -47.79 -17.46 18.32
C LYS C 191 -47.93 -18.94 17.97
N HIS C 192 -46.94 -19.49 17.27
CA HIS C 192 -46.96 -20.89 16.85
C HIS C 192 -45.86 -21.65 17.60
N LYS C 193 -46.27 -22.61 18.42
CA LYS C 193 -45.35 -23.52 19.09
C LYS C 193 -45.02 -24.76 18.25
N VAL C 194 -45.74 -24.97 17.14
CA VAL C 194 -45.45 -26.09 16.24
C VAL C 194 -46.42 -25.95 15.06
N TYR C 195 -45.94 -26.24 13.84
CA TYR C 195 -46.70 -25.97 12.64
C TYR C 195 -46.66 -27.17 11.69
N ALA C 196 -47.48 -27.09 10.63
CA ALA C 196 -47.59 -28.14 9.62
C ALA C 196 -47.89 -27.51 8.26
N CYS C 197 -47.00 -27.74 7.30
CA CYS C 197 -47.12 -27.11 5.99
C CYS C 197 -46.94 -28.09 4.83
N GLU C 198 -46.73 -27.56 3.62
CA GLU C 198 -46.64 -28.38 2.42
C GLU C 198 -47.86 -28.15 1.54
N VAL C 199 -47.67 -28.19 0.21
CA VAL C 199 -48.72 -27.90 -0.75
C VAL C 199 -48.85 -29.08 -1.72
N THR C 200 -49.86 -28.99 -2.58
CA THR C 200 -50.22 -30.09 -3.48
C THR C 200 -50.16 -29.58 -4.92
N HIS C 201 -49.31 -30.20 -5.73
CA HIS C 201 -49.18 -29.83 -7.14
C HIS C 201 -48.22 -30.82 -7.79
N GLN C 202 -48.10 -30.69 -9.12
CA GLN C 202 -47.27 -31.60 -9.90
C GLN C 202 -47.88 -32.99 -9.91
N GLY C 203 -47.09 -33.99 -10.27
CA GLY C 203 -47.56 -35.36 -10.25
C GLY C 203 -47.45 -36.03 -8.90
N LEU C 204 -48.08 -35.45 -7.88
CA LEU C 204 -48.09 -36.00 -6.52
C LEU C 204 -49.53 -36.24 -6.09
N SER C 205 -49.76 -37.40 -5.44
CA SER C 205 -51.10 -37.76 -4.99
C SER C 205 -51.64 -36.73 -3.99
N SER C 206 -50.79 -36.28 -3.08
CA SER C 206 -51.08 -35.14 -2.22
C SER C 206 -49.74 -34.48 -1.92
N PRO C 207 -49.71 -33.53 -0.98
CA PRO C 207 -48.41 -32.96 -0.58
C PRO C 207 -48.01 -33.36 0.84
N VAL C 208 -46.92 -34.11 0.97
CA VAL C 208 -46.51 -34.65 2.27
C VAL C 208 -46.10 -33.52 3.20
N THR C 209 -46.81 -33.38 4.31
CA THR C 209 -46.61 -32.29 5.26
C THR C 209 -45.79 -32.76 6.45
N LYS C 210 -44.88 -31.91 6.92
CA LYS C 210 -44.01 -32.27 8.02
C LYS C 210 -43.41 -31.02 8.65
N SER C 211 -43.31 -31.05 9.98
CA SER C 211 -42.59 -30.02 10.74
C SER C 211 -42.00 -30.70 11.97
N PHE C 212 -41.07 -30.02 12.62
CA PHE C 212 -40.39 -30.57 13.77
C PHE C 212 -41.15 -30.22 15.05
N ASN C 213 -40.51 -30.46 16.21
CA ASN C 213 -41.07 -30.08 17.50
C ASN C 213 -40.55 -28.67 17.86
N ARG C 214 -40.48 -28.35 19.16
CA ARG C 214 -40.04 -27.03 19.60
C ARG C 214 -39.22 -27.11 20.89
N GLY C 215 -38.73 -28.30 21.24
CA GLY C 215 -37.98 -28.51 22.45
C GLY C 215 -37.08 -29.73 22.35
N GLU C 216 -37.66 -30.88 22.02
CA GLU C 216 -36.90 -32.12 21.82
C GLU C 216 -37.37 -32.90 20.59
N GLN D 1 20.81 -0.41 14.53
CA GLN D 1 19.77 -1.36 14.93
C GLN D 1 19.57 -2.53 13.96
N LEU D 2 19.54 -2.28 12.64
CA LEU D 2 19.41 -3.40 11.69
C LEU D 2 19.79 -2.94 10.28
N THR D 3 21.05 -3.13 9.92
CA THR D 3 21.53 -2.79 8.57
C THR D 3 21.46 -4.01 7.66
N GLN D 4 20.74 -3.86 6.56
CA GLN D 4 20.61 -4.96 5.61
C GLN D 4 21.66 -4.76 4.52
N SER D 5 22.59 -5.71 4.44
CA SER D 5 23.54 -5.81 3.33
C SER D 5 23.10 -6.93 2.39
N GLY D 6 23.92 -7.18 1.37
CA GLY D 6 23.64 -8.23 0.42
C GLY D 6 22.39 -7.98 -0.38
N GLY D 7 22.31 -8.52 -1.58
CA GLY D 7 21.15 -8.33 -2.43
C GLY D 7 21.51 -7.71 -3.76
N GLY D 8 20.48 -7.50 -4.55
CA GLY D 8 20.69 -6.95 -5.88
C GLY D 8 19.96 -7.67 -7.01
N LEU D 9 20.61 -7.74 -8.15
CA LEU D 9 20.09 -8.36 -9.35
C LEU D 9 20.55 -9.82 -9.40
N VAL D 10 19.65 -10.74 -9.74
CA VAL D 10 20.02 -12.12 -10.01
C VAL D 10 19.12 -12.69 -11.10
N LYS D 11 19.67 -13.63 -11.84
CA LYS D 11 18.92 -14.34 -12.87
C LYS D 11 17.98 -15.35 -12.22
N PRO D 12 16.92 -15.74 -12.94
CA PRO D 12 15.99 -16.72 -12.37
C PRO D 12 16.67 -18.06 -12.14
N GLY D 13 16.12 -18.82 -11.20
CA GLY D 13 16.74 -20.09 -10.89
C GLY D 13 18.00 -19.97 -10.06
N ARG D 14 18.71 -18.84 -10.16
CA ARG D 14 19.92 -18.60 -9.39
C ARG D 14 19.56 -18.31 -7.92
N SER D 15 20.57 -18.02 -7.08
CA SER D 15 20.41 -17.90 -5.62
C SER D 15 20.86 -16.52 -5.13
N LEU D 16 21.00 -16.40 -3.80
CA LEU D 16 21.42 -15.16 -3.13
C LEU D 16 21.23 -15.28 -1.61
N ARG D 17 22.06 -14.59 -0.81
CA ARG D 17 21.99 -14.61 0.66
C ARG D 17 21.98 -13.18 1.20
N LEU D 18 20.82 -12.74 1.69
CA LEU D 18 20.67 -11.48 2.41
C LEU D 18 21.04 -11.63 3.90
N SER D 19 22.00 -10.84 4.34
CA SER D 19 22.37 -10.79 5.75
C SER D 19 21.74 -9.57 6.41
N CYS D 20 21.93 -9.47 7.73
CA CYS D 20 21.34 -8.37 8.51
C CYS D 20 22.07 -8.24 9.84
N THR D 21 22.83 -7.16 10.00
CA THR D 21 23.65 -6.92 11.18
C THR D 21 22.89 -6.06 12.18
N ALA D 22 22.99 -6.43 13.46
CA ALA D 22 22.15 -5.89 14.51
C ALA D 22 22.99 -5.27 15.63
N SER D 23 22.38 -4.30 16.31
CA SER D 23 23.05 -3.49 17.31
C SER D 23 22.02 -2.85 18.21
N GLY D 24 22.47 -2.41 19.37
CA GLY D 24 21.64 -1.68 20.31
C GLY D 24 20.83 -2.55 21.24
N PHE D 25 20.67 -3.83 20.92
CA PHE D 25 19.91 -4.78 21.72
C PHE D 25 20.66 -6.09 21.74
N THR D 26 20.17 -7.03 22.54
CA THR D 26 20.83 -8.33 22.56
C THR D 26 20.26 -9.21 21.47
N PHE D 27 21.07 -9.46 20.45
CA PHE D 27 20.60 -10.23 19.31
C PHE D 27 20.11 -11.62 19.73
N GLY D 28 20.77 -12.25 20.70
CA GLY D 28 20.43 -13.63 21.05
C GLY D 28 19.08 -13.79 21.69
N ASP D 29 18.48 -12.70 22.19
CA ASP D 29 17.25 -12.72 22.99
C ASP D 29 15.99 -12.62 22.17
N TYR D 30 16.11 -12.69 20.85
CA TYR D 30 14.99 -12.33 20.01
C TYR D 30 14.88 -13.30 18.86
N ALA D 31 13.66 -13.56 18.47
CA ALA D 31 13.49 -14.12 17.15
C ALA D 31 13.89 -13.08 16.12
N MET D 32 14.00 -13.52 14.88
CA MET D 32 14.27 -12.63 13.76
C MET D 32 13.26 -12.97 12.67
N SER D 33 12.49 -11.98 12.25
CA SER D 33 11.44 -12.13 11.25
C SER D 33 11.92 -11.58 9.90
N TRP D 34 11.26 -12.02 8.82
CA TRP D 34 11.50 -11.44 7.51
C TRP D 34 10.17 -11.26 6.79
N VAL D 35 9.96 -10.07 6.19
CA VAL D 35 8.75 -9.76 5.44
C VAL D 35 9.10 -9.15 4.09
N ARG D 36 8.44 -9.61 3.04
CA ARG D 36 8.61 -9.04 1.70
C ARG D 36 7.59 -7.94 1.45
N GLN D 37 7.76 -7.24 0.33
CA GLN D 37 6.69 -6.37 -0.12
C GLN D 37 6.36 -6.52 -1.59
N ALA D 38 7.35 -6.36 -2.48
CA ALA D 38 7.14 -6.42 -3.93
C ALA D 38 6.46 -5.15 -4.41
N PRO D 39 7.05 -4.47 -5.40
CA PRO D 39 6.65 -3.09 -5.71
C PRO D 39 5.17 -3.00 -6.08
N GLY D 40 4.49 -2.02 -5.50
CA GLY D 40 3.10 -1.76 -5.79
C GLY D 40 2.10 -2.43 -4.87
N LYS D 41 2.45 -3.58 -4.31
CA LYS D 41 1.50 -4.37 -3.53
C LYS D 41 1.94 -4.42 -2.07
N GLY D 42 1.14 -5.08 -1.23
CA GLY D 42 1.35 -5.05 0.20
C GLY D 42 2.46 -5.94 0.75
N LEU D 43 2.34 -6.36 1.99
CA LEU D 43 3.38 -7.17 2.63
C LEU D 43 3.01 -8.63 2.60
N GLU D 44 3.94 -9.49 2.22
CA GLU D 44 3.93 -10.90 2.60
C GLU D 44 4.99 -11.13 3.65
N TRP D 45 4.58 -11.78 4.76
CA TRP D 45 5.47 -12.41 5.74
C TRP D 45 6.12 -13.64 5.12
N VAL D 46 7.41 -13.85 5.42
CA VAL D 46 8.18 -14.90 4.77
C VAL D 46 8.74 -15.92 5.75
N GLY D 47 9.22 -15.53 6.94
CA GLY D 47 9.68 -16.53 7.92
C GLY D 47 10.27 -15.94 9.19
N PHE D 48 10.57 -16.82 10.17
CA PHE D 48 11.40 -16.42 11.30
C PHE D 48 12.32 -17.53 11.80
N VAL D 49 13.29 -17.12 12.64
CA VAL D 49 14.16 -17.96 13.45
C VAL D 49 13.85 -17.69 14.92
N ARG D 50 13.78 -18.75 15.73
CA ARG D 50 13.42 -18.47 17.12
C ARG D 50 14.64 -18.01 17.93
N SER D 51 14.36 -17.61 19.19
CA SER D 51 15.35 -16.89 20.00
C SER D 51 16.63 -17.68 20.19
N GLU D 52 16.52 -19.02 20.32
CA GLU D 52 17.56 -20.01 20.64
C GLU D 52 17.28 -20.62 22.00
N SER D 53 17.07 -19.77 23.01
CA SER D 53 16.40 -20.16 24.23
C SER D 53 15.08 -20.86 23.96
N ALA D 54 14.49 -20.63 22.78
CA ALA D 54 13.21 -21.24 22.42
C ALA D 54 13.40 -22.35 21.41
N GLY D 55 14.63 -22.68 21.06
CA GLY D 55 14.86 -23.74 20.12
C GLY D 55 15.30 -23.32 18.73
N ALA D 56 15.33 -22.01 18.44
CA ALA D 56 15.77 -21.51 17.14
C ALA D 56 15.19 -22.30 15.98
N THR D 57 13.96 -22.78 16.12
CA THR D 57 13.24 -23.34 14.99
C THR D 57 12.75 -22.22 14.08
N THR D 58 12.47 -22.61 12.84
CA THR D 58 12.12 -21.67 11.80
C THR D 58 10.75 -22.01 11.26
N GLU D 59 9.92 -20.99 11.08
CA GLU D 59 8.70 -21.12 10.29
C GLU D 59 8.84 -20.28 9.03
N TYR D 60 8.15 -20.72 7.96
CA TYR D 60 8.19 -20.11 6.64
C TYR D 60 6.76 -19.87 6.14
N ALA D 61 6.64 -19.13 5.04
CA ALA D 61 5.34 -18.88 4.44
C ALA D 61 5.09 -19.88 3.30
N ALA D 62 3.82 -19.96 2.91
CA ALA D 62 3.45 -20.93 1.87
C ALA D 62 4.29 -20.75 0.62
N SER D 63 4.55 -19.51 0.23
CA SER D 63 5.16 -19.26 -1.07
C SER D 63 6.55 -19.86 -1.16
N VAL D 64 7.29 -19.89 -0.06
CA VAL D 64 8.73 -19.95 -0.11
C VAL D 64 9.30 -21.17 0.58
N LYS D 65 8.46 -21.99 1.23
CA LYS D 65 8.97 -23.03 2.12
C LYS D 65 9.94 -23.94 1.39
N GLY D 66 9.64 -24.28 0.15
CA GLY D 66 10.57 -25.03 -0.66
C GLY D 66 11.94 -24.38 -0.75
N ARG D 67 11.98 -23.14 -1.23
CA ARG D 67 13.24 -22.54 -1.68
C ARG D 67 13.99 -21.83 -0.56
N PHE D 68 13.31 -21.01 0.21
CA PHE D 68 14.03 -20.19 1.15
C PHE D 68 14.41 -20.97 2.40
N THR D 69 15.56 -20.61 2.93
CA THR D 69 15.94 -20.96 4.29
C THR D 69 16.44 -19.68 4.94
N ILE D 70 16.44 -19.66 6.27
CA ILE D 70 16.70 -18.44 7.02
C ILE D 70 17.43 -18.76 8.32
N SER D 71 18.66 -18.26 8.45
CA SER D 71 19.63 -18.68 9.46
C SER D 71 19.93 -17.57 10.48
N ARG D 72 20.74 -17.93 11.47
CA ARG D 72 21.16 -17.01 12.51
C ARG D 72 22.59 -17.33 12.90
N ASP D 73 23.23 -16.41 13.62
CA ASP D 73 24.60 -16.60 14.07
C ASP D 73 24.76 -15.67 15.26
N ASP D 74 24.35 -16.17 16.43
CA ASP D 74 24.45 -15.37 17.65
C ASP D 74 25.84 -14.73 17.76
N SER D 75 26.89 -15.49 17.42
CA SER D 75 28.27 -15.02 17.46
C SER D 75 28.45 -13.64 16.85
N LYS D 76 28.27 -13.53 15.52
CA LYS D 76 28.42 -12.29 14.78
C LYS D 76 27.18 -11.40 14.85
N SER D 77 26.11 -11.88 15.49
CA SER D 77 24.89 -11.10 15.71
C SER D 77 24.24 -10.68 14.39
N ILE D 78 24.09 -11.66 13.50
CA ILE D 78 23.49 -11.43 12.20
C ILE D 78 22.38 -12.44 12.01
N ALA D 79 21.40 -12.08 11.19
CA ALA D 79 20.46 -13.02 10.63
C ALA D 79 20.64 -13.01 9.12
N TYR D 80 20.32 -14.13 8.49
CA TYR D 80 20.62 -14.39 7.10
C TYR D 80 19.42 -15.06 6.48
N LEU D 81 18.95 -14.56 5.34
CA LEU D 81 17.86 -15.19 4.59
C LEU D 81 18.43 -15.65 3.26
N GLN D 82 18.80 -16.93 3.18
CA GLN D 82 19.32 -17.51 1.94
C GLN D 82 18.15 -17.95 1.07
N MET D 83 18.03 -17.34 -0.11
CA MET D 83 17.00 -17.70 -1.07
C MET D 83 17.66 -18.45 -2.23
N ASN D 84 17.10 -19.61 -2.56
CA ASN D 84 17.79 -20.56 -3.43
C ASN D 84 17.19 -20.48 -4.81
N ALA D 85 16.37 -21.44 -5.25
CA ALA D 85 15.84 -21.34 -6.60
C ALA D 85 14.98 -20.09 -6.63
N LEU D 86 15.38 -19.07 -7.39
CA LEU D 86 14.75 -17.74 -7.29
C LEU D 86 13.78 -17.51 -8.44
N LYS D 87 12.53 -17.20 -8.11
CA LYS D 87 11.51 -16.98 -9.11
C LYS D 87 11.38 -15.49 -9.38
N THR D 88 10.98 -15.13 -10.60
CA THR D 88 10.82 -13.71 -10.88
C THR D 88 9.80 -13.07 -9.95
N GLU D 89 8.77 -13.80 -9.56
CA GLU D 89 7.76 -13.32 -8.63
C GLU D 89 8.33 -13.04 -7.24
N ASP D 90 9.59 -13.40 -6.99
CA ASP D 90 10.25 -13.10 -5.72
C ASP D 90 10.76 -11.67 -5.64
N THR D 91 10.61 -10.89 -6.70
CA THR D 91 11.12 -9.52 -6.68
C THR D 91 10.37 -8.73 -5.62
N ALA D 92 11.11 -8.14 -4.68
CA ALA D 92 10.54 -7.36 -3.59
C ALA D 92 11.65 -6.69 -2.79
N VAL D 93 11.25 -5.76 -1.94
CA VAL D 93 12.15 -5.22 -0.93
C VAL D 93 11.92 -6.01 0.34
N TYR D 94 12.99 -6.58 0.89
CA TYR D 94 12.90 -7.59 1.93
C TYR D 94 13.43 -6.99 3.22
N TYR D 95 12.60 -6.94 4.25
CA TYR D 95 13.01 -6.38 5.53
C TYR D 95 13.33 -7.46 6.55
N CYS D 96 14.51 -7.34 7.16
CA CYS D 96 14.82 -7.87 8.48
C CYS D 96 13.89 -7.24 9.53
N ILE D 97 13.49 -8.01 10.57
CA ILE D 97 12.44 -7.46 11.43
C ILE D 97 12.67 -7.50 12.94
N ARG D 98 13.39 -8.49 13.47
CA ARG D 98 13.68 -8.49 14.93
C ARG D 98 12.47 -8.65 15.85
N GLY D 99 12.44 -9.75 16.56
CA GLY D 99 11.24 -9.97 17.29
C GLY D 99 10.22 -10.42 16.29
N ALA D 100 8.95 -10.45 16.73
CA ALA D 100 7.87 -10.67 15.78
C ALA D 100 7.74 -9.50 14.82
N ASN D 101 8.13 -8.31 15.25
CA ASN D 101 7.52 -7.11 14.69
C ASN D 101 8.14 -5.81 15.18
N TRP D 102 9.14 -5.90 16.04
CA TRP D 102 9.52 -4.73 16.80
C TRP D 102 10.05 -3.63 15.91
N ASN D 103 11.14 -3.89 15.18
CA ASN D 103 11.97 -2.85 14.57
C ASN D 103 12.37 -3.32 13.19
N TRP D 104 11.65 -2.88 12.16
CA TRP D 104 12.07 -3.25 10.82
C TRP D 104 13.35 -2.50 10.43
N GLY D 105 14.06 -3.04 9.45
CA GLY D 105 15.18 -2.35 8.83
C GLY D 105 14.73 -1.49 7.66
N GLN D 106 15.67 -1.20 6.78
CA GLN D 106 15.25 -0.46 5.60
C GLN D 106 14.99 -1.39 4.43
N GLY D 107 15.34 -2.66 4.56
CA GLY D 107 15.05 -3.65 3.55
C GLY D 107 16.04 -3.60 2.42
N THR D 108 15.97 -4.60 1.54
CA THR D 108 16.79 -4.54 0.34
C THR D 108 16.01 -5.13 -0.82
N LEU D 109 15.79 -4.30 -1.83
CA LEU D 109 15.12 -4.76 -3.03
C LEU D 109 15.99 -5.77 -3.75
N VAL D 110 15.43 -6.96 -3.95
CA VAL D 110 15.97 -7.96 -4.84
C VAL D 110 15.14 -7.98 -6.11
N THR D 111 15.80 -7.91 -7.25
CA THR D 111 15.17 -7.93 -8.55
C THR D 111 15.77 -9.10 -9.32
N VAL D 112 14.93 -10.02 -9.78
CA VAL D 112 15.39 -11.23 -10.43
C VAL D 112 15.15 -11.10 -11.92
N SER D 113 16.21 -10.91 -12.71
CA SER D 113 16.05 -10.55 -14.11
C SER D 113 17.19 -11.08 -14.97
N SER D 114 16.85 -11.47 -16.21
CA SER D 114 17.85 -11.80 -17.20
C SER D 114 18.74 -10.61 -17.53
N ALA D 115 18.15 -9.42 -17.65
CA ALA D 115 18.82 -8.25 -18.22
C ALA D 115 20.06 -7.85 -17.43
N SER D 116 20.95 -7.13 -18.10
CA SER D 116 22.24 -6.80 -17.51
C SER D 116 22.17 -5.50 -16.74
N THR D 117 23.17 -5.28 -15.89
CA THR D 117 23.24 -4.02 -15.16
C THR D 117 23.55 -2.89 -16.12
N LYS D 118 22.99 -1.71 -15.86
CA LYS D 118 23.36 -0.49 -16.56
C LYS D 118 23.48 0.59 -15.51
N GLY D 119 24.70 1.02 -15.19
CA GLY D 119 24.93 2.15 -14.34
C GLY D 119 24.48 3.44 -15.01
N PRO D 120 23.96 4.38 -14.21
CA PRO D 120 23.33 5.56 -14.78
C PRO D 120 24.32 6.63 -15.19
N SER D 121 23.81 7.54 -16.01
CA SER D 121 24.36 8.86 -16.21
C SER D 121 23.47 9.85 -15.47
N VAL D 122 24.10 10.83 -14.83
CA VAL D 122 23.40 11.78 -13.97
C VAL D 122 23.52 13.16 -14.56
N PHE D 123 22.39 13.79 -14.85
CA PHE D 123 22.44 15.10 -15.45
C PHE D 123 21.79 16.16 -14.55
N PRO D 124 22.28 17.40 -14.61
CA PRO D 124 21.68 18.50 -13.86
C PRO D 124 20.41 19.05 -14.52
N LEU D 125 19.65 19.76 -13.67
CA LEU D 125 18.41 20.43 -14.03
C LEU D 125 18.63 21.82 -13.50
N ALA D 126 19.44 22.58 -14.19
CA ALA D 126 19.93 23.83 -13.64
C ALA D 126 18.78 24.80 -13.43
N PRO D 127 18.90 25.71 -12.48
CA PRO D 127 17.82 26.68 -12.25
C PRO D 127 17.77 27.76 -13.33
N SER D 128 16.53 28.19 -13.61
CA SER D 128 16.28 29.35 -14.45
C SER D 128 16.68 30.63 -13.72
N SER D 129 16.58 31.74 -14.43
CA SER D 129 16.96 33.05 -13.93
C SER D 129 15.66 33.82 -13.63
N LYS D 130 15.13 33.58 -12.41
CA LYS D 130 13.86 34.12 -11.93
C LYS D 130 13.98 34.66 -10.51
N THR D 131 13.60 35.92 -10.34
CA THR D 131 13.01 36.51 -9.13
C THR D 131 13.63 36.27 -7.75
N SER D 132 14.42 37.24 -7.28
CA SER D 132 14.49 37.53 -5.85
C SER D 132 13.23 38.27 -5.42
N GLY D 133 12.62 37.83 -4.31
CA GLY D 133 13.11 36.71 -3.53
C GLY D 133 12.04 35.66 -3.27
N GLY D 134 11.65 34.95 -4.33
CA GLY D 134 10.86 33.73 -4.23
C GLY D 134 11.75 32.50 -4.16
N THR D 135 11.22 31.38 -4.63
CA THR D 135 11.95 30.12 -4.55
C THR D 135 12.32 29.64 -5.96
N ALA D 136 13.52 29.11 -6.08
CA ALA D 136 14.03 28.48 -7.30
C ALA D 136 14.09 26.96 -7.12
N ALA D 137 14.18 26.27 -8.25
CA ALA D 137 14.14 24.83 -8.32
C ALA D 137 15.30 24.36 -9.19
N LEU D 138 16.08 23.42 -8.66
CA LEU D 138 17.12 22.71 -9.37
C LEU D 138 16.92 21.23 -9.13
N GLY D 139 17.73 20.41 -9.77
CA GLY D 139 17.48 18.99 -9.70
C GLY D 139 18.53 18.19 -10.43
N CYS D 140 18.28 16.87 -10.45
CA CYS D 140 19.20 15.91 -10.99
C CYS D 140 18.38 14.93 -11.78
N LEU D 141 18.81 14.66 -13.00
CA LEU D 141 18.14 13.69 -13.83
C LEU D 141 18.98 12.44 -13.90
N VAL D 142 18.44 11.35 -13.39
CA VAL D 142 19.16 10.07 -13.36
C VAL D 142 18.53 9.17 -14.42
N LYS D 143 19.31 8.82 -15.43
CA LYS D 143 18.76 8.30 -16.67
C LYS D 143 19.46 7.00 -17.03
N ASP D 144 18.67 6.06 -17.56
CA ASP D 144 19.16 4.91 -18.29
C ASP D 144 19.98 3.98 -17.42
N TYR D 145 19.34 3.51 -16.36
CA TYR D 145 19.98 2.62 -15.40
C TYR D 145 19.09 1.42 -15.12
N PHE D 146 19.72 0.30 -14.85
CA PHE D 146 18.99 -0.89 -14.45
C PHE D 146 19.88 -1.72 -13.55
N PRO D 147 19.33 -2.44 -12.56
CA PRO D 147 17.94 -2.52 -12.08
C PRO D 147 17.71 -1.46 -11.03
N GLU D 148 16.54 -1.44 -10.39
CA GLU D 148 16.33 -0.52 -9.29
C GLU D 148 17.22 -0.90 -8.11
N PRO D 149 17.41 0.01 -7.14
CA PRO D 149 17.00 1.41 -7.01
C PRO D 149 18.19 2.38 -7.23
N VAL D 150 17.95 3.69 -7.15
CA VAL D 150 19.06 4.64 -7.03
C VAL D 150 18.77 5.45 -5.79
N THR D 151 19.82 5.90 -5.13
CA THR D 151 19.61 6.75 -3.97
C THR D 151 20.22 8.10 -4.25
N VAL D 152 19.50 9.13 -3.84
CA VAL D 152 19.84 10.50 -4.14
C VAL D 152 19.80 11.28 -2.85
N SER D 153 20.89 11.90 -2.49
CA SER D 153 20.90 12.88 -1.41
C SER D 153 21.35 14.22 -1.94
N TRP D 154 20.88 15.29 -1.31
CA TRP D 154 21.28 16.65 -1.66
C TRP D 154 22.26 17.13 -0.61
N ASN D 155 23.44 17.54 -1.07
CA ASN D 155 24.57 17.88 -0.20
C ASN D 155 24.73 16.88 0.93
N SER D 156 24.82 15.60 0.55
CA SER D 156 25.13 14.57 1.52
C SER D 156 24.15 14.55 2.69
N GLY D 157 22.86 14.74 2.41
CA GLY D 157 21.83 14.79 3.44
C GLY D 157 21.86 16.01 4.34
N ALA D 158 22.62 17.05 3.98
CA ALA D 158 22.52 18.29 4.72
C ALA D 158 21.29 19.09 4.32
N LEU D 159 20.65 18.74 3.21
CA LEU D 159 19.53 19.47 2.64
C LEU D 159 18.38 18.50 2.43
N THR D 160 17.39 18.49 3.33
CA THR D 160 16.22 17.65 3.15
C THR D 160 14.96 18.39 2.81
N SER D 161 14.75 19.56 3.40
CA SER D 161 13.46 20.24 3.25
C SER D 161 13.21 20.63 1.78
N GLY D 162 12.04 20.25 1.28
CA GLY D 162 11.76 20.49 -0.11
C GLY D 162 12.67 19.71 -1.03
N VAL D 163 12.79 18.42 -0.80
CA VAL D 163 13.37 17.53 -1.80
C VAL D 163 12.24 16.66 -2.29
N HIS D 164 12.19 16.39 -3.59
CA HIS D 164 11.22 15.45 -4.10
C HIS D 164 11.93 14.47 -5.03
N THR D 165 11.79 13.19 -4.75
CA THR D 165 12.39 12.23 -5.64
C THR D 165 11.29 11.38 -6.22
N PHE D 166 11.12 11.49 -7.51
CA PHE D 166 9.92 10.96 -8.09
C PHE D 166 10.06 9.47 -8.33
N PRO D 167 8.99 8.77 -8.25
CA PRO D 167 9.00 7.40 -8.74
C PRO D 167 9.80 7.27 -10.04
N ALA D 168 10.79 6.40 -10.00
CA ALA D 168 11.42 5.96 -11.22
C ALA D 168 10.36 5.55 -12.24
N VAL D 169 10.72 5.64 -13.51
CA VAL D 169 9.82 5.31 -14.59
C VAL D 169 10.62 4.46 -15.56
N LEU D 170 9.97 3.47 -16.14
CA LEU D 170 10.67 2.53 -17.02
C LEU D 170 10.59 3.07 -18.43
N GLN D 171 11.71 3.58 -18.93
CA GLN D 171 11.75 4.18 -20.25
C GLN D 171 11.37 3.16 -21.32
N SER D 172 11.11 3.68 -22.53
CA SER D 172 10.57 2.88 -23.62
C SER D 172 11.48 1.71 -23.95
N SER D 173 12.79 1.92 -23.84
CA SER D 173 13.77 0.85 -23.86
C SER D 173 13.49 -0.14 -22.74
N GLY D 174 14.43 -0.30 -21.82
CA GLY D 174 14.17 -1.16 -20.69
C GLY D 174 14.83 -0.61 -19.45
N LEU D 175 15.33 0.61 -19.56
CA LEU D 175 16.09 1.19 -18.48
C LEU D 175 15.22 2.15 -17.69
N TYR D 176 15.44 2.17 -16.39
CA TYR D 176 14.69 3.07 -15.55
C TYR D 176 15.31 4.46 -15.58
N SER D 177 14.49 5.44 -15.27
CA SER D 177 14.94 6.82 -15.19
C SER D 177 14.15 7.55 -14.13
N LEU D 178 14.78 8.55 -13.52
CA LEU D 178 14.10 9.36 -12.53
C LEU D 178 14.85 10.66 -12.30
N SER D 179 14.19 11.53 -11.55
CA SER D 179 14.71 12.83 -11.24
C SER D 179 14.32 13.18 -9.81
N SER D 180 15.23 13.88 -9.17
CA SER D 180 15.09 14.39 -7.83
C SER D 180 15.18 15.89 -7.95
N VAL D 181 14.50 16.58 -7.07
CA VAL D 181 14.30 18.00 -7.28
C VAL D 181 14.29 18.71 -5.94
N VAL D 182 14.91 19.89 -5.89
CA VAL D 182 14.91 20.71 -4.68
C VAL D 182 14.26 22.05 -4.98
N THR D 183 13.64 22.63 -3.97
CA THR D 183 13.31 24.05 -4.00
C THR D 183 14.18 24.75 -2.98
N VAL D 184 14.84 25.83 -3.41
CA VAL D 184 15.65 26.63 -2.50
C VAL D 184 15.29 28.09 -2.71
N PRO D 185 15.59 28.93 -1.73
CA PRO D 185 15.44 30.37 -1.95
C PRO D 185 16.32 30.83 -3.10
N SER D 186 15.74 31.65 -3.98
CA SER D 186 16.52 32.36 -5.01
C SER D 186 17.76 33.00 -4.41
N SER D 187 17.58 33.82 -3.39
CA SER D 187 18.70 34.47 -2.71
C SER D 187 19.92 33.58 -2.57
N SER D 188 19.72 32.26 -2.51
CA SER D 188 20.79 31.35 -2.12
C SER D 188 21.74 31.01 -3.26
N LEU D 189 21.31 31.15 -4.52
CA LEU D 189 22.12 30.74 -5.66
C LEU D 189 23.41 31.56 -5.76
N GLY D 190 24.38 30.99 -6.46
CA GLY D 190 25.64 31.68 -6.58
C GLY D 190 26.48 31.66 -5.33
N THR D 191 25.86 31.79 -4.16
CA THR D 191 26.62 31.68 -2.92
C THR D 191 26.69 30.22 -2.43
N GLN D 192 25.61 29.47 -2.56
CA GLN D 192 25.47 28.17 -1.93
C GLN D 192 25.50 27.09 -3.01
N THR D 193 26.46 26.17 -2.91
CA THR D 193 26.53 25.13 -3.92
C THR D 193 25.53 24.01 -3.63
N TYR D 194 25.16 23.29 -4.68
CA TYR D 194 24.14 22.25 -4.57
C TYR D 194 24.62 21.01 -5.30
N ILE D 195 24.93 19.95 -4.56
CA ILE D 195 25.36 18.70 -5.16
C ILE D 195 24.28 17.67 -4.91
N CYS D 196 24.02 16.84 -5.91
CA CYS D 196 23.22 15.65 -5.69
C CYS D 196 24.15 14.46 -5.67
N ASN D 197 24.06 13.66 -4.60
CA ASN D 197 24.81 12.43 -4.46
C ASN D 197 23.90 11.31 -4.92
N VAL D 198 24.34 10.62 -5.98
CA VAL D 198 23.55 9.59 -6.65
C VAL D 198 24.20 8.27 -6.38
N ASN D 199 23.38 7.29 -6.01
CA ASN D 199 23.85 5.98 -5.57
C ASN D 199 23.09 4.90 -6.32
N HIS D 200 23.83 4.05 -7.04
CA HIS D 200 23.30 2.83 -7.69
C HIS D 200 24.24 1.70 -7.27
N LYS D 201 23.92 1.00 -6.17
CA LYS D 201 24.74 -0.11 -5.66
C LYS D 201 24.79 -1.28 -6.64
N PRO D 202 23.73 -1.59 -7.38
CA PRO D 202 23.85 -2.65 -8.40
C PRO D 202 24.97 -2.45 -9.39
N SER D 203 25.39 -1.22 -9.68
CA SER D 203 26.47 -0.97 -10.64
C SER D 203 27.67 -0.30 -9.99
N ASN D 204 27.75 -0.39 -8.65
CA ASN D 204 28.71 0.33 -7.79
C ASN D 204 29.13 1.66 -8.37
N THR D 205 28.13 2.39 -8.88
CA THR D 205 28.26 3.79 -9.20
C THR D 205 28.01 4.63 -7.96
N LYS D 206 28.92 5.55 -7.69
CA LYS D 206 28.63 6.69 -6.83
C LYS D 206 29.00 7.90 -7.67
N VAL D 207 28.02 8.74 -7.97
CA VAL D 207 28.22 9.95 -8.78
C VAL D 207 27.67 11.15 -8.02
N ASP D 208 28.47 12.22 -7.96
CA ASP D 208 28.09 13.46 -7.31
C ASP D 208 28.14 14.59 -8.32
N LYS D 209 26.98 15.06 -8.76
CA LYS D 209 26.90 16.13 -9.76
C LYS D 209 26.65 17.44 -9.04
N LYS D 210 27.51 18.41 -9.26
CA LYS D 210 27.22 19.77 -8.83
C LYS D 210 26.22 20.38 -9.83
N VAL D 211 25.12 20.91 -9.30
CA VAL D 211 24.07 21.54 -10.09
C VAL D 211 24.12 23.02 -9.77
N GLU D 212 24.88 23.83 -10.66
CA GLU D 212 25.12 25.26 -10.69
C GLU D 212 24.34 25.89 -11.84
N PRO D 213 23.94 27.16 -11.69
CA PRO D 213 23.21 27.97 -12.66
C PRO D 213 23.65 27.78 -14.12
N GLN E 1 -6.91 -22.49 -16.09
CA GLN E 1 -5.55 -22.03 -15.83
C GLN E 1 -5.49 -20.50 -15.69
N LEU E 2 -6.61 -19.90 -15.27
CA LEU E 2 -6.75 -18.45 -15.16
C LEU E 2 -7.38 -18.13 -13.80
N THR E 3 -6.57 -17.71 -12.83
CA THR E 3 -7.06 -17.36 -11.49
C THR E 3 -7.44 -15.87 -11.45
N GLN E 4 -8.51 -15.54 -12.16
CA GLN E 4 -8.86 -14.14 -12.33
C GLN E 4 -9.21 -13.49 -11.01
N SER E 5 -8.62 -12.32 -10.77
CA SER E 5 -8.75 -11.59 -9.52
C SER E 5 -9.19 -10.16 -9.78
N GLY E 6 -9.10 -9.31 -8.76
CA GLY E 6 -9.63 -7.97 -8.87
C GLY E 6 -11.15 -8.01 -8.88
N GLY E 7 -11.77 -6.86 -8.67
CA GLY E 7 -13.22 -6.80 -8.67
C GLY E 7 -13.84 -6.73 -7.29
N GLY E 8 -14.97 -6.04 -7.18
CA GLY E 8 -15.74 -6.03 -5.93
C GLY E 8 -16.76 -4.89 -5.94
N LEU E 9 -17.02 -4.37 -4.73
CA LEU E 9 -18.00 -3.30 -4.55
C LEU E 9 -17.40 -1.96 -4.98
N VAL E 10 -18.08 -1.26 -5.90
CA VAL E 10 -17.72 0.10 -6.31
C VAL E 10 -18.98 0.95 -6.41
N LYS E 11 -18.80 2.20 -6.81
CA LYS E 11 -19.78 3.26 -6.69
C LYS E 11 -20.02 3.89 -8.05
N PRO E 12 -21.03 4.76 -8.18
CA PRO E 12 -21.29 5.41 -9.46
C PRO E 12 -20.33 6.57 -9.70
N GLY E 13 -19.44 6.42 -10.68
CA GLY E 13 -18.40 7.38 -10.93
C GLY E 13 -17.06 7.02 -10.35
N ARG E 14 -16.99 6.00 -9.49
CA ARG E 14 -15.72 5.45 -9.02
C ARG E 14 -15.09 4.62 -10.12
N SER E 15 -14.14 3.74 -9.78
CA SER E 15 -13.36 3.03 -10.80
C SER E 15 -12.66 1.82 -10.19
N LEU E 16 -12.33 0.83 -11.04
CA LEU E 16 -11.75 -0.43 -10.59
C LEU E 16 -10.79 -0.98 -11.64
N ARG E 17 -9.99 -1.98 -11.24
CA ARG E 17 -9.08 -2.69 -12.13
C ARG E 17 -9.06 -4.17 -11.79
N LEU E 18 -9.11 -5.02 -12.82
CA LEU E 18 -9.17 -6.46 -12.67
C LEU E 18 -7.93 -7.14 -13.25
N SER E 19 -7.51 -8.24 -12.62
CA SER E 19 -6.29 -8.94 -13.00
C SER E 19 -6.60 -10.39 -13.32
N CYS E 20 -5.83 -10.94 -14.25
CA CYS E 20 -5.92 -12.35 -14.67
C CYS E 20 -4.54 -12.98 -14.53
N THR E 21 -4.29 -13.65 -13.40
CA THR E 21 -3.06 -14.44 -13.28
C THR E 21 -3.24 -15.70 -14.12
N ALA E 22 -2.98 -15.52 -15.41
CA ALA E 22 -2.98 -16.64 -16.34
C ALA E 22 -1.65 -17.37 -16.24
N SER E 23 -1.71 -18.70 -16.29
CA SER E 23 -0.53 -19.52 -16.09
C SER E 23 -0.78 -20.86 -16.77
N GLY E 24 0.25 -21.70 -16.79
CA GLY E 24 0.12 -22.99 -17.44
C GLY E 24 0.37 -22.92 -18.92
N PHE E 25 -0.35 -22.04 -19.63
CA PHE E 25 -0.10 -21.75 -21.04
C PHE E 25 0.79 -20.51 -21.19
N THR E 26 1.28 -20.29 -22.41
CA THR E 26 2.23 -19.20 -22.69
C THR E 26 1.44 -17.90 -22.92
N PHE E 27 1.53 -16.99 -21.97
CA PHE E 27 0.73 -15.77 -22.00
C PHE E 27 1.08 -14.87 -23.19
N GLY E 28 2.34 -14.88 -23.63
CA GLY E 28 2.75 -13.97 -24.68
C GLY E 28 2.17 -14.35 -26.04
N ASP E 29 2.11 -15.64 -26.33
CA ASP E 29 1.61 -16.11 -27.61
C ASP E 29 0.09 -16.04 -27.74
N TYR E 30 -0.61 -15.68 -26.67
CA TYR E 30 -2.07 -15.68 -26.70
C TYR E 30 -2.59 -14.29 -26.41
N ALA E 31 -3.56 -13.86 -27.22
CA ALA E 31 -4.34 -12.68 -26.94
C ALA E 31 -5.18 -12.88 -25.68
N MET E 32 -5.73 -11.79 -25.17
CA MET E 32 -6.47 -11.83 -23.91
C MET E 32 -7.76 -11.04 -24.04
N SER E 33 -8.88 -11.76 -24.18
CA SER E 33 -10.19 -11.14 -24.25
C SER E 33 -10.87 -11.24 -22.88
N TRP E 34 -11.61 -10.19 -22.54
CA TRP E 34 -12.62 -10.17 -21.48
C TRP E 34 -14.00 -10.47 -22.04
N VAL E 35 -14.88 -11.01 -21.19
CA VAL E 35 -16.28 -11.14 -21.55
C VAL E 35 -17.16 -10.77 -20.35
N ARG E 36 -18.31 -10.17 -20.66
CA ARG E 36 -19.29 -9.70 -19.68
C ARG E 36 -20.63 -10.35 -19.98
N GLN E 37 -21.41 -10.59 -18.91
CA GLN E 37 -22.63 -11.39 -18.98
C GLN E 37 -23.85 -10.77 -18.29
N ALA E 38 -23.68 -9.93 -17.26
CA ALA E 38 -24.78 -9.28 -16.52
C ALA E 38 -25.42 -10.30 -15.58
N PRO E 39 -26.57 -10.04 -14.91
CA PRO E 39 -27.19 -11.12 -14.14
C PRO E 39 -28.37 -11.76 -14.85
N GLY E 40 -28.23 -13.04 -15.19
CA GLY E 40 -29.31 -13.79 -15.78
C GLY E 40 -29.67 -13.39 -17.19
N LYS E 41 -28.72 -12.82 -17.94
CA LYS E 41 -28.96 -12.39 -19.32
C LYS E 41 -28.00 -13.10 -20.27
N GLY E 42 -27.70 -12.49 -21.42
CA GLY E 42 -26.79 -13.06 -22.40
C GLY E 42 -25.34 -12.67 -22.18
N LEU E 43 -24.53 -12.89 -23.21
CA LEU E 43 -23.11 -12.57 -23.14
C LEU E 43 -22.80 -11.41 -24.08
N GLU E 44 -21.93 -10.50 -23.65
CA GLU E 44 -21.55 -9.35 -24.45
C GLU E 44 -20.03 -9.32 -24.60
N TRP E 45 -19.59 -8.84 -25.77
CA TRP E 45 -18.18 -8.71 -26.05
C TRP E 45 -17.63 -7.50 -25.31
N VAL E 46 -16.33 -7.55 -25.00
CA VAL E 46 -15.72 -6.57 -24.10
C VAL E 46 -14.38 -6.09 -24.66
N GLY E 47 -13.72 -6.92 -25.46
CA GLY E 47 -12.52 -6.52 -26.16
C GLY E 47 -11.36 -7.46 -25.90
N PHE E 48 -10.21 -7.12 -26.52
CA PHE E 48 -9.02 -7.94 -26.32
C PHE E 48 -7.75 -7.16 -26.63
N VAL E 49 -6.65 -7.64 -26.02
CA VAL E 49 -5.27 -7.30 -26.38
C VAL E 49 -4.77 -8.38 -27.33
N ARG E 50 -4.28 -7.98 -28.50
CA ARG E 50 -3.76 -8.96 -29.46
C ARG E 50 -2.46 -9.59 -28.90
N SER E 51 -1.95 -10.61 -29.59
CA SER E 51 -0.90 -11.46 -29.03
C SER E 51 0.36 -10.71 -28.60
N GLU E 52 0.46 -9.40 -28.88
CA GLU E 52 1.66 -8.57 -28.81
C GLU E 52 2.50 -8.82 -30.03
N SER E 53 2.67 -10.10 -30.42
CA SER E 53 3.29 -10.41 -31.69
C SER E 53 2.39 -10.03 -32.86
N ALA E 54 1.07 -10.09 -32.68
CA ALA E 54 0.16 -9.61 -33.71
C ALA E 54 0.01 -8.09 -33.69
N GLY E 55 0.48 -7.43 -32.64
CA GLY E 55 0.52 -5.97 -32.61
C GLY E 55 0.64 -5.31 -31.25
N ALA E 56 0.01 -5.92 -30.24
CA ALA E 56 -0.27 -5.42 -28.89
C ALA E 56 -1.49 -4.50 -28.91
N THR E 57 -2.13 -4.30 -30.07
CA THR E 57 -3.26 -3.42 -30.21
C THR E 57 -4.52 -4.01 -29.56
N THR E 58 -5.47 -3.14 -29.26
CA THR E 58 -6.65 -3.52 -28.50
C THR E 58 -7.92 -3.18 -29.27
N GLU E 59 -9.00 -3.88 -28.91
CA GLU E 59 -10.31 -3.68 -29.50
C GLU E 59 -11.34 -3.67 -28.38
N TYR E 60 -12.45 -2.96 -28.60
CA TYR E 60 -13.41 -2.68 -27.54
C TYR E 60 -14.81 -2.67 -28.11
N ALA E 61 -15.79 -2.80 -27.22
CA ALA E 61 -17.17 -3.06 -27.57
C ALA E 61 -17.96 -1.75 -27.71
N ALA E 62 -19.07 -1.84 -28.46
CA ALA E 62 -19.94 -0.73 -28.88
C ALA E 62 -19.95 0.51 -27.98
N SER E 63 -20.90 0.60 -27.03
CA SER E 63 -20.98 1.77 -26.15
C SER E 63 -19.88 1.83 -25.11
N VAL E 64 -19.06 0.78 -25.02
CA VAL E 64 -17.98 0.66 -24.04
C VAL E 64 -16.68 1.21 -24.64
N LYS E 65 -16.80 1.84 -25.83
CA LYS E 65 -15.64 2.21 -26.65
C LYS E 65 -14.65 3.09 -25.87
N GLY E 66 -15.13 4.15 -25.21
CA GLY E 66 -14.25 4.94 -24.38
C GLY E 66 -13.94 4.26 -23.06
N ARG E 67 -13.97 5.02 -21.96
CA ARG E 67 -13.91 4.49 -20.59
C ARG E 67 -12.78 3.50 -20.35
N PHE E 68 -13.15 2.25 -20.07
CA PHE E 68 -12.23 1.13 -19.85
C PHE E 68 -11.35 0.91 -21.06
N THR E 69 -10.02 0.91 -20.84
CA THR E 69 -9.02 0.70 -21.91
C THR E 69 -8.17 -0.53 -21.58
N ILE E 70 -8.62 -1.69 -22.07
CA ILE E 70 -8.05 -3.02 -21.80
C ILE E 70 -6.53 -3.08 -22.00
N SER E 71 -5.86 -3.83 -21.11
CA SER E 71 -4.42 -3.72 -20.88
C SER E 71 -3.77 -5.11 -20.80
N ARG E 72 -2.44 -5.12 -20.74
CA ARG E 72 -1.64 -6.34 -20.63
C ARG E 72 -0.16 -5.98 -20.43
N ASP E 73 0.56 -6.84 -19.72
CA ASP E 73 2.02 -6.76 -19.64
C ASP E 73 2.57 -8.16 -19.49
N ASP E 74 3.25 -8.67 -20.53
CA ASP E 74 3.86 -9.99 -20.47
C ASP E 74 4.83 -10.12 -19.32
N SER E 75 5.34 -8.98 -18.83
CA SER E 75 5.95 -8.76 -17.52
C SER E 75 6.05 -10.01 -16.66
N LYS E 76 5.04 -10.24 -15.83
CA LYS E 76 4.98 -11.41 -14.95
C LYS E 76 3.81 -12.33 -15.31
N SER E 77 3.16 -12.07 -16.46
CA SER E 77 2.20 -12.92 -17.18
C SER E 77 0.75 -12.72 -16.75
N ILE E 78 0.24 -11.48 -16.75
CA ILE E 78 -1.14 -11.20 -16.34
C ILE E 78 -1.74 -10.09 -17.21
N ALA E 79 -3.07 -10.08 -17.30
CA ALA E 79 -3.84 -9.09 -18.07
C ALA E 79 -4.83 -8.32 -17.18
N TYR E 80 -5.13 -7.08 -17.60
CA TYR E 80 -5.87 -6.12 -16.78
C TYR E 80 -7.11 -5.60 -17.50
N LEU E 81 -8.06 -5.13 -16.70
CA LEU E 81 -9.28 -4.47 -17.16
C LEU E 81 -9.61 -3.37 -16.16
N GLN E 82 -9.51 -2.13 -16.60
CA GLN E 82 -9.49 -0.94 -15.76
C GLN E 82 -10.71 -0.08 -16.07
N MET E 83 -11.82 -0.40 -15.41
CA MET E 83 -13.04 0.39 -15.53
C MET E 83 -12.76 1.84 -15.12
N ASN E 84 -12.96 2.78 -16.05
CA ASN E 84 -12.71 4.20 -15.78
C ASN E 84 -13.94 4.86 -15.16
N ALA E 85 -14.45 5.92 -15.78
CA ALA E 85 -15.68 6.54 -15.28
C ALA E 85 -16.86 5.60 -15.51
N LEU E 86 -17.11 4.70 -14.55
CA LEU E 86 -18.10 3.64 -14.70
C LEU E 86 -19.52 4.21 -14.70
N LYS E 87 -20.49 3.32 -14.92
CA LYS E 87 -21.90 3.68 -14.96
C LYS E 87 -22.67 2.86 -13.94
N THR E 88 -23.99 3.06 -13.92
CA THR E 88 -24.90 2.24 -13.13
C THR E 88 -24.74 0.78 -13.49
N GLU E 89 -25.61 0.32 -14.40
CA GLU E 89 -25.74 -1.04 -14.95
C GLU E 89 -24.54 -1.94 -14.72
N ASP E 90 -23.90 -2.40 -15.82
CA ASP E 90 -22.63 -3.14 -15.86
C ASP E 90 -22.23 -3.87 -14.57
N THR E 91 -23.23 -4.23 -13.76
CA THR E 91 -23.09 -4.93 -12.48
C THR E 91 -22.82 -6.41 -12.74
N ALA E 92 -21.85 -6.69 -13.60
CA ALA E 92 -21.77 -7.95 -14.32
C ALA E 92 -20.53 -8.74 -13.92
N VAL E 93 -20.52 -10.01 -14.32
CA VAL E 93 -19.34 -10.85 -14.18
C VAL E 93 -18.40 -10.60 -15.37
N TYR E 94 -17.09 -10.76 -15.12
CA TYR E 94 -16.05 -10.52 -16.13
C TYR E 94 -15.10 -11.70 -16.16
N TYR E 95 -14.93 -12.29 -17.35
CA TYR E 95 -14.08 -13.45 -17.58
C TYR E 95 -13.02 -13.11 -18.63
N CYS E 96 -11.74 -13.30 -18.31
CA CYS E 96 -10.71 -13.34 -19.33
C CYS E 96 -10.61 -14.77 -19.86
N ILE E 97 -10.72 -14.92 -21.17
CA ILE E 97 -10.85 -16.23 -21.79
C ILE E 97 -9.55 -16.75 -22.38
N ARG E 98 -8.51 -15.92 -22.47
CA ARG E 98 -7.28 -16.34 -23.15
C ARG E 98 -7.52 -16.52 -24.66
N GLY E 99 -7.07 -15.56 -25.46
CA GLY E 99 -7.35 -15.57 -26.88
C GLY E 99 -8.67 -14.91 -27.18
N ALA E 100 -9.05 -14.95 -28.45
CA ALA E 100 -10.40 -14.54 -28.82
C ALA E 100 -11.45 -15.33 -28.05
N ASN E 101 -11.13 -16.55 -27.61
CA ASN E 101 -12.16 -17.46 -27.11
C ASN E 101 -11.77 -18.89 -26.67
N TRP E 102 -10.54 -19.13 -26.24
CA TRP E 102 -10.14 -20.52 -26.00
C TRP E 102 -10.66 -21.07 -24.67
N ASN E 103 -9.85 -21.09 -23.60
CA ASN E 103 -10.28 -21.71 -22.34
C ASN E 103 -10.73 -20.62 -21.34
N TRP E 104 -12.01 -20.67 -20.97
CA TRP E 104 -12.63 -19.67 -20.10
C TRP E 104 -12.09 -19.79 -18.68
N GLY E 105 -12.39 -18.76 -17.89
CA GLY E 105 -12.00 -18.70 -16.50
C GLY E 105 -13.07 -19.23 -15.57
N GLN E 106 -13.09 -18.70 -14.36
CA GLN E 106 -14.05 -19.05 -13.33
C GLN E 106 -15.06 -17.96 -13.05
N GLY E 107 -14.94 -16.80 -13.72
CA GLY E 107 -15.77 -15.62 -13.47
C GLY E 107 -15.46 -14.92 -12.15
N THR E 108 -15.52 -13.59 -12.13
CA THR E 108 -15.40 -12.84 -10.87
C THR E 108 -16.44 -11.72 -10.85
N LEU E 109 -17.31 -11.74 -9.85
CA LEU E 109 -18.42 -10.79 -9.80
C LEU E 109 -17.95 -9.42 -9.35
N VAL E 110 -18.51 -8.37 -9.98
CA VAL E 110 -18.33 -6.99 -9.56
C VAL E 110 -19.71 -6.34 -9.47
N THR E 111 -19.84 -5.33 -8.60
CA THR E 111 -21.12 -4.70 -8.34
C THR E 111 -20.98 -3.18 -8.41
N VAL E 112 -22.06 -2.51 -8.81
CA VAL E 112 -22.16 -1.05 -8.80
C VAL E 112 -23.43 -0.67 -8.05
N SER E 113 -23.25 -0.12 -6.83
CA SER E 113 -24.35 0.39 -6.03
C SER E 113 -23.79 1.44 -5.07
N SER E 114 -24.58 2.46 -4.79
CA SER E 114 -24.27 3.35 -3.69
C SER E 114 -24.50 2.61 -2.37
N ALA E 115 -23.84 1.47 -2.20
CA ALA E 115 -24.10 0.56 -1.10
C ALA E 115 -22.80 0.17 -0.41
N SER E 116 -22.96 -0.47 0.76
CA SER E 116 -21.85 -0.81 1.63
C SER E 116 -21.94 -2.27 2.05
N THR E 117 -20.79 -2.96 1.99
CA THR E 117 -20.69 -4.38 2.32
C THR E 117 -20.62 -4.61 3.82
N LYS E 118 -19.91 -5.67 4.24
CA LYS E 118 -19.90 -6.11 5.63
C LYS E 118 -19.99 -7.63 5.65
N GLY E 119 -20.29 -8.24 6.81
CA GLY E 119 -20.43 -9.68 6.88
C GLY E 119 -21.87 -10.13 7.01
N PRO E 120 -22.21 -11.24 6.34
CA PRO E 120 -23.58 -11.76 6.40
C PRO E 120 -23.84 -12.53 7.70
N SER E 121 -25.08 -12.96 7.88
CA SER E 121 -25.51 -13.56 9.15
C SER E 121 -26.62 -14.58 8.92
N VAL E 122 -26.39 -15.83 9.33
CA VAL E 122 -27.27 -16.95 9.04
C VAL E 122 -27.49 -17.90 10.22
N PHE E 123 -26.40 -18.32 10.87
CA PHE E 123 -26.52 -19.34 11.91
C PHE E 123 -26.71 -20.70 11.23
N PRO E 124 -27.81 -21.41 11.50
CA PRO E 124 -28.01 -22.72 10.85
C PRO E 124 -29.49 -23.04 10.63
N LEU E 125 -29.76 -23.93 9.66
CA LEU E 125 -31.13 -24.35 9.38
C LEU E 125 -31.06 -25.73 8.73
N ALA E 126 -31.48 -26.77 9.46
CA ALA E 126 -31.24 -28.17 9.10
C ALA E 126 -32.52 -28.97 8.89
N PRO E 127 -33.17 -29.47 9.97
CA PRO E 127 -34.38 -30.29 9.78
C PRO E 127 -35.08 -30.73 11.07
N SER E 128 -35.91 -31.78 10.98
CA SER E 128 -36.70 -32.29 12.09
C SER E 128 -36.15 -33.60 12.62
N SER E 129 -36.06 -34.64 11.78
CA SER E 129 -35.42 -35.89 12.19
C SER E 129 -36.21 -37.11 11.74
N LYS E 130 -36.84 -37.04 10.57
CA LYS E 130 -37.70 -38.12 10.07
C LYS E 130 -36.87 -39.01 9.14
N THR E 131 -36.56 -40.22 9.63
CA THR E 131 -35.83 -41.22 8.85
C THR E 131 -34.32 -41.04 8.90
N SER E 132 -33.66 -41.78 9.79
CA SER E 132 -32.21 -41.96 9.77
C SER E 132 -31.84 -43.05 8.77
N GLY E 133 -30.56 -43.43 8.76
CA GLY E 133 -30.09 -44.46 7.85
C GLY E 133 -29.40 -43.94 6.60
N GLY E 134 -30.15 -43.28 5.71
CA GLY E 134 -29.58 -42.71 4.50
C GLY E 134 -30.46 -41.70 3.79
N THR E 135 -31.39 -41.07 4.52
CA THR E 135 -32.24 -40.02 3.91
C THR E 135 -32.50 -38.93 4.96
N ALA E 136 -31.56 -38.01 5.09
CA ALA E 136 -31.65 -36.85 5.96
C ALA E 136 -31.23 -35.63 5.15
N ALA E 137 -31.20 -34.47 5.81
CA ALA E 137 -30.86 -33.21 5.14
C ALA E 137 -29.83 -32.44 5.96
N LEU E 138 -29.51 -31.23 5.49
CA LEU E 138 -28.57 -30.31 6.12
C LEU E 138 -28.51 -29.06 5.24
N GLY E 139 -27.85 -28.00 5.75
CA GLY E 139 -27.73 -26.76 4.99
C GLY E 139 -27.43 -25.47 5.72
N CYS E 140 -28.45 -24.63 5.94
CA CYS E 140 -28.32 -23.34 6.63
C CYS E 140 -29.50 -22.41 6.35
N LEU E 141 -29.36 -21.12 6.64
CA LEU E 141 -30.40 -20.14 6.31
C LEU E 141 -29.97 -18.75 6.78
N VAL E 142 -29.57 -17.88 5.85
CA VAL E 142 -29.02 -16.56 6.17
C VAL E 142 -29.60 -15.54 5.20
N LYS E 143 -30.16 -14.44 5.74
CA LYS E 143 -30.87 -13.46 4.94
C LYS E 143 -30.59 -12.01 5.37
N ASP E 144 -29.43 -11.78 5.98
CA ASP E 144 -29.04 -10.43 6.41
C ASP E 144 -27.72 -9.96 5.79
N TYR E 145 -27.42 -10.41 4.57
CA TYR E 145 -26.17 -10.09 3.91
C TYR E 145 -26.41 -9.53 2.51
N PHE E 146 -25.53 -8.63 2.09
CA PHE E 146 -25.56 -8.03 0.76
C PHE E 146 -24.15 -7.95 0.20
N PRO E 147 -24.00 -7.75 -1.12
CA PRO E 147 -22.66 -7.67 -1.72
C PRO E 147 -22.51 -8.49 -2.99
N GLU E 148 -22.82 -9.79 -2.91
CA GLU E 148 -22.63 -10.71 -4.02
C GLU E 148 -23.11 -12.10 -3.64
N PRO E 149 -22.26 -12.94 -3.07
CA PRO E 149 -22.67 -14.33 -2.79
C PRO E 149 -22.00 -14.95 -1.58
N VAL E 150 -22.62 -16.00 -1.05
CA VAL E 150 -22.07 -16.77 0.05
C VAL E 150 -21.66 -18.13 -0.49
N THR E 151 -20.74 -18.78 0.23
CA THR E 151 -20.13 -20.05 -0.19
C THR E 151 -20.59 -21.15 0.77
N VAL E 152 -21.65 -21.87 0.37
CA VAL E 152 -22.17 -22.97 1.19
C VAL E 152 -21.16 -24.10 1.20
N SER E 153 -20.84 -24.60 2.39
CA SER E 153 -19.81 -25.60 2.57
C SER E 153 -20.41 -26.97 2.90
N TRP E 154 -19.52 -27.97 2.99
CA TRP E 154 -19.93 -29.33 3.33
C TRP E 154 -18.80 -29.98 4.13
N ASN E 155 -18.61 -31.29 3.96
CA ASN E 155 -17.48 -31.95 4.58
C ASN E 155 -16.18 -31.32 4.11
N SER E 156 -15.29 -31.03 5.06
CA SER E 156 -14.03 -30.33 4.77
C SER E 156 -13.17 -31.09 3.77
N GLY E 157 -13.07 -30.55 2.57
CA GLY E 157 -12.35 -31.24 1.50
C GLY E 157 -13.10 -32.43 0.94
N ALA E 158 -14.41 -32.28 0.68
CA ALA E 158 -15.18 -33.40 0.16
C ALA E 158 -16.60 -33.05 -0.28
N LEU E 159 -16.95 -31.77 -0.33
CA LEU E 159 -18.29 -31.37 -0.73
C LEU E 159 -18.52 -31.68 -2.21
N THR E 160 -19.66 -32.29 -2.54
CA THR E 160 -19.91 -32.67 -3.92
C THR E 160 -21.30 -33.25 -4.18
N SER E 161 -21.84 -34.03 -3.24
CA SER E 161 -23.06 -34.79 -3.44
C SER E 161 -24.19 -34.26 -2.56
N GLY E 162 -25.39 -34.20 -3.12
CA GLY E 162 -26.57 -33.72 -2.43
C GLY E 162 -26.45 -32.34 -1.80
N VAL E 163 -26.80 -31.30 -2.58
CA VAL E 163 -26.73 -29.92 -2.12
C VAL E 163 -28.10 -29.27 -2.25
N HIS E 164 -28.13 -28.02 -2.72
CA HIS E 164 -29.37 -27.24 -2.75
C HIS E 164 -29.16 -25.90 -2.05
N THR E 165 -28.22 -25.09 -2.55
CA THR E 165 -28.06 -23.74 -2.02
C THR E 165 -29.26 -22.88 -2.37
N PHE E 166 -29.79 -23.02 -3.59
CA PHE E 166 -31.00 -22.35 -4.04
C PHE E 166 -30.71 -20.95 -4.55
N PRO E 167 -31.49 -20.42 -5.50
CA PRO E 167 -31.29 -19.04 -5.93
C PRO E 167 -31.42 -18.09 -4.74
N ALA E 168 -30.79 -16.92 -4.87
CA ALA E 168 -30.80 -15.91 -3.83
C ALA E 168 -31.72 -14.76 -4.24
N VAL E 169 -32.32 -14.09 -3.24
CA VAL E 169 -33.25 -12.99 -3.49
C VAL E 169 -33.15 -11.99 -2.35
N LEU E 170 -33.71 -10.80 -2.58
CA LEU E 170 -33.64 -9.71 -1.61
C LEU E 170 -34.21 -10.14 -0.25
N GLN E 171 -33.77 -9.45 0.81
CA GLN E 171 -34.15 -9.77 2.18
C GLN E 171 -34.75 -8.56 2.87
N SER E 172 -35.69 -7.90 2.19
CA SER E 172 -36.40 -6.76 2.75
C SER E 172 -35.54 -5.50 2.77
N SER E 173 -34.29 -5.63 3.23
CA SER E 173 -33.41 -4.48 3.43
C SER E 173 -32.49 -4.21 2.25
N GLY E 174 -32.75 -4.80 1.10
CA GLY E 174 -31.83 -4.66 -0.01
C GLY E 174 -30.62 -5.55 0.07
N LEU E 175 -30.51 -6.37 1.12
CA LEU E 175 -29.53 -7.44 1.14
C LEU E 175 -30.03 -8.59 0.27
N TYR E 176 -29.08 -9.36 -0.29
CA TYR E 176 -29.38 -10.43 -1.23
C TYR E 176 -28.80 -11.74 -0.70
N SER E 177 -29.67 -12.69 -0.35
CA SER E 177 -29.31 -14.00 0.16
C SER E 177 -30.56 -14.87 0.20
N LEU E 178 -30.35 -16.19 0.23
CA LEU E 178 -31.47 -17.12 0.18
C LEU E 178 -31.43 -18.13 1.33
N SER E 179 -31.48 -19.42 1.00
CA SER E 179 -31.47 -20.47 2.02
C SER E 179 -30.35 -21.47 1.76
N SER E 180 -30.58 -22.72 2.16
CA SER E 180 -29.64 -23.81 1.94
C SER E 180 -30.36 -25.11 2.25
N VAL E 181 -29.93 -26.17 1.58
CA VAL E 181 -30.48 -27.52 1.77
C VAL E 181 -29.43 -28.49 1.22
N VAL E 182 -29.42 -29.72 1.72
CA VAL E 182 -28.32 -30.61 1.37
C VAL E 182 -28.78 -32.06 1.49
N THR E 183 -28.24 -32.90 0.60
CA THR E 183 -28.48 -34.34 0.62
C THR E 183 -27.15 -35.00 0.99
N VAL E 184 -27.04 -35.41 2.24
CA VAL E 184 -25.84 -36.11 2.71
C VAL E 184 -26.30 -37.51 3.10
N PRO E 185 -25.43 -38.36 3.65
CA PRO E 185 -25.95 -39.59 4.22
C PRO E 185 -26.90 -39.22 5.34
N SER E 186 -28.12 -39.73 5.26
CA SER E 186 -29.11 -39.52 6.33
C SER E 186 -28.95 -40.61 7.40
N SER E 187 -27.70 -40.80 7.81
CA SER E 187 -27.23 -41.93 8.62
C SER E 187 -25.77 -41.65 8.96
N SER E 188 -25.27 -42.22 10.06
CA SER E 188 -24.08 -41.67 10.69
C SER E 188 -24.47 -40.41 11.45
N LEU E 189 -25.74 -40.37 11.87
CA LEU E 189 -26.19 -39.35 12.80
C LEU E 189 -25.43 -39.50 14.10
N GLY E 190 -24.70 -38.46 14.46
CA GLY E 190 -23.84 -38.52 15.62
C GLY E 190 -22.43 -38.84 15.18
N THR E 191 -22.31 -39.55 14.06
CA THR E 191 -21.04 -39.86 13.42
C THR E 191 -20.88 -39.16 12.07
N GLN E 192 -21.65 -38.10 11.84
CA GLN E 192 -21.58 -37.34 10.61
C GLN E 192 -22.23 -35.98 10.85
N THR E 193 -21.85 -35.03 10.00
CA THR E 193 -22.41 -33.68 10.04
C THR E 193 -22.05 -32.99 8.73
N TYR E 194 -22.61 -31.80 8.54
CA TYR E 194 -22.32 -30.98 7.37
C TYR E 194 -21.58 -29.74 7.84
N ILE E 195 -20.46 -29.45 7.18
CA ILE E 195 -19.68 -28.25 7.46
C ILE E 195 -20.23 -27.12 6.61
N CYS E 196 -21.45 -26.67 6.94
CA CYS E 196 -22.12 -25.56 6.28
C CYS E 196 -21.18 -24.39 6.12
N ASN E 197 -21.43 -23.52 5.14
CA ASN E 197 -20.50 -22.44 4.80
C ASN E 197 -21.21 -21.09 4.85
N VAL E 198 -21.14 -20.44 6.02
CA VAL E 198 -21.23 -18.97 6.02
C VAL E 198 -20.18 -18.44 5.06
N ASN E 199 -20.63 -17.63 4.08
CA ASN E 199 -19.81 -17.15 2.98
C ASN E 199 -19.66 -15.62 3.02
N HIS E 200 -18.44 -15.16 2.77
CA HIS E 200 -18.16 -13.73 2.84
C HIS E 200 -16.95 -13.39 1.99
N LYS E 201 -16.98 -13.81 0.73
CA LYS E 201 -15.93 -13.45 -0.22
C LYS E 201 -15.76 -11.93 -0.24
N PRO E 202 -16.80 -11.19 -0.58
CA PRO E 202 -16.82 -9.74 -0.35
C PRO E 202 -17.35 -9.35 1.03
N SER E 203 -17.51 -10.35 1.90
CA SER E 203 -18.02 -10.17 3.26
C SER E 203 -16.94 -10.13 4.33
N ASN E 204 -15.73 -10.58 4.03
CA ASN E 204 -14.59 -10.45 4.94
C ASN E 204 -14.71 -11.37 6.13
N THR E 205 -15.90 -11.93 6.37
CA THR E 205 -16.19 -12.77 7.53
C THR E 205 -17.26 -13.78 7.13
N LYS E 206 -16.90 -14.73 6.27
CA LYS E 206 -17.68 -15.94 6.02
C LYS E 206 -16.97 -17.08 6.75
N VAL E 207 -17.43 -17.37 7.98
CA VAL E 207 -16.76 -18.29 8.89
C VAL E 207 -17.00 -19.76 8.54
N ASP E 208 -17.89 -20.42 9.29
CA ASP E 208 -18.19 -21.82 9.05
C ASP E 208 -19.24 -22.32 10.04
N LYS E 209 -20.52 -22.10 9.73
CA LYS E 209 -21.58 -22.32 10.70
C LYS E 209 -21.83 -23.81 10.95
N LYS E 210 -21.73 -24.63 9.91
CA LYS E 210 -21.82 -26.09 10.08
C LYS E 210 -23.26 -26.54 10.31
N VAL E 211 -23.44 -27.55 11.16
CA VAL E 211 -24.75 -28.14 11.44
C VAL E 211 -24.51 -29.46 12.17
N GLU E 212 -25.37 -30.45 11.93
CA GLU E 212 -25.19 -31.81 12.44
C GLU E 212 -26.06 -32.05 13.68
N PRO E 213 -25.46 -32.53 14.80
CA PRO E 213 -26.08 -32.80 16.09
C PRO E 213 -25.19 -33.62 17.02
#